data_9PQA
#
_entry.id   9PQA
#
_cell.length_a   129.002
_cell.length_b   129.002
_cell.length_c   139.767
_cell.angle_alpha   90.000
_cell.angle_beta   90.000
_cell.angle_gamma   90.000
#
_symmetry.space_group_name_H-M   'P 4 21 2'
#
loop_
_entity.id
_entity.type
_entity.pdbx_description
1 polymer 'Protein fem-1 homolog B'
2 non-polymer (6R)-6-phenyl-1,3-thiazinane-2,4-dione
3 non-polymer 'SULFATE ION'
4 water water
#
_entity_poly.entity_id   1
_entity_poly.type   'polypeptide(L)'
_entity_poly.pdbx_seq_one_letter_code
;GHMEGLAGYVYKAASEGKVLTLAALLLNRSESDIRYLLGYVSQQGGQRSTPLIIAARNGHAKVVRLLLEHYRVQTQQTGT
VRFDGYVIDGATALWCAAGAGHFEVVKLLVSHGANVNHTTVTNSTPLRAACFDGRLDIVKYLVENNANISIANKYDNTCL
MIAAYKGHTDVVRYLLEQRADPNAKAHCGATALHFAAEAGHIDIVKELIKWRAAIVVNGHGMTPLKVAAESCKADVVELL
LSHADCDRRSRIEALELLGASFANDRENYDIIKTYHYLYLAMLERFQDGDNILEKEVLPPIHAYGNRTECRNPQELESIR
QDRDALHMEGLIVRERILGGGGSGGGSKKRLLLGLDR
;
_entity_poly.pdbx_strand_id   A,B
#
# COMPACT_ATOMS: atom_id res chain seq x y z
N HIS A 2 0.68 41.15 37.12
CA HIS A 2 -0.48 40.59 36.42
C HIS A 2 -1.21 39.58 37.30
N MET A 3 -0.47 38.98 38.25
CA MET A 3 -0.92 37.89 39.11
C MET A 3 -1.07 36.60 38.31
N GLU A 4 -1.75 36.67 37.16
CA GLU A 4 -1.76 35.55 36.21
C GLU A 4 -0.37 35.23 35.67
N GLY A 5 0.63 36.10 35.86
CA GLY A 5 1.97 35.78 35.43
C GLY A 5 2.64 34.76 36.33
N LEU A 6 2.30 34.76 37.63
CA LEU A 6 2.80 33.73 38.52
C LEU A 6 2.07 32.42 38.23
N ALA A 7 0.82 32.49 37.77
CA ALA A 7 0.12 31.29 37.34
C ALA A 7 0.92 30.52 36.31
N GLY A 8 1.58 31.24 35.39
CA GLY A 8 2.42 30.56 34.42
C GLY A 8 3.61 29.87 35.06
N TYR A 9 4.23 30.53 36.05
CA TYR A 9 5.35 29.91 36.76
C TYR A 9 4.92 28.62 37.44
N VAL A 10 3.68 28.56 37.94
CA VAL A 10 3.19 27.36 38.60
C VAL A 10 2.91 26.27 37.57
N TYR A 11 2.26 26.63 36.47
CA TYR A 11 2.07 25.70 35.35
C TYR A 11 3.41 25.13 34.88
N LYS A 12 4.43 25.99 34.77
CA LYS A 12 5.74 25.55 34.33
C LYS A 12 6.29 24.42 35.21
N ALA A 13 6.47 24.71 36.51
CA ALA A 13 7.01 23.71 37.42
C ALA A 13 6.20 22.42 37.40
N ALA A 14 4.88 22.53 37.25
CA ALA A 14 4.04 21.34 37.13
C ALA A 14 4.40 20.55 35.88
N SER A 15 4.37 21.20 34.72
CA SER A 15 4.69 20.52 33.47
C SER A 15 6.09 19.92 33.51
N GLU A 16 7.03 20.62 34.13
CA GLU A 16 8.42 20.20 34.19
C GLU A 16 8.68 19.21 35.33
N GLY A 17 7.68 18.95 36.17
CA GLY A 17 7.83 18.05 37.28
C GLY A 17 8.72 18.51 38.39
N LYS A 18 9.08 19.79 38.43
CA LYS A 18 9.93 20.35 39.48
C LYS A 18 9.11 20.56 40.75
N VAL A 19 8.79 19.45 41.42
CA VAL A 19 7.86 19.49 42.54
C VAL A 19 8.40 20.37 43.66
N LEU A 20 9.73 20.44 43.79
CA LEU A 20 10.42 21.44 44.58
C LEU A 20 9.95 22.86 44.22
N THR A 21 10.27 23.27 42.98
CA THR A 21 9.84 24.56 42.45
C THR A 21 8.34 24.80 42.68
N LEU A 22 7.51 23.80 42.42
CA LEU A 22 6.07 23.94 42.66
C LEU A 22 5.76 24.27 44.11
N ALA A 23 6.19 23.40 45.03
CA ALA A 23 5.90 23.59 46.45
C ALA A 23 6.27 25.00 46.92
N ALA A 24 7.51 25.42 46.67
CA ALA A 24 7.96 26.74 47.09
C ALA A 24 7.11 27.85 46.48
N LEU A 25 6.53 27.61 45.31
CA LEU A 25 5.69 28.63 44.68
C LEU A 25 4.36 28.75 45.40
N LEU A 26 3.79 27.62 45.81
CA LEU A 26 2.44 27.58 46.36
C LEU A 26 2.39 28.09 47.79
N LEU A 27 3.25 27.56 48.66
CA LEU A 27 3.21 27.87 50.10
C LEU A 27 3.20 29.38 50.32
N ASN A 28 2.66 29.81 51.47
CA ASN A 28 2.61 31.20 51.90
C ASN A 28 1.64 32.03 51.07
N ARG A 29 0.70 31.38 50.39
CA ARG A 29 -0.33 32.05 49.59
C ARG A 29 -1.71 31.74 50.14
N SER A 30 -2.65 32.66 49.91
CA SER A 30 -4.01 32.53 50.42
C SER A 30 -4.81 31.49 49.62
N GLU A 31 -5.82 30.91 50.28
CA GLU A 31 -6.70 29.95 49.60
C GLU A 31 -7.31 30.55 48.35
N SER A 32 -7.84 31.78 48.45
CA SER A 32 -8.23 32.52 47.27
C SER A 32 -7.15 32.44 46.19
N ASP A 33 -5.90 32.74 46.58
CA ASP A 33 -4.79 32.64 45.65
C ASP A 33 -4.60 31.21 45.15
N ILE A 34 -4.61 30.23 46.07
CA ILE A 34 -4.22 28.87 45.71
C ILE A 34 -5.26 28.22 44.79
N ARG A 35 -6.55 28.47 45.03
CA ARG A 35 -7.56 27.92 44.14
C ARG A 35 -7.41 28.48 42.73
N TYR A 36 -7.05 29.76 42.63
CA TYR A 36 -6.85 30.39 41.33
C TYR A 36 -5.66 29.76 40.61
N LEU A 37 -4.46 29.91 41.16
CA LEU A 37 -3.21 29.44 40.60
C LEU A 37 -3.32 28.01 40.05
N LEU A 38 -4.00 27.12 40.79
CA LEU A 38 -4.12 25.75 40.37
C LEU A 38 -5.29 25.52 39.42
N GLY A 39 -6.29 26.39 39.47
CA GLY A 39 -7.41 26.35 38.54
C GLY A 39 -7.15 27.02 37.21
N TYR A 40 -6.05 27.76 37.08
CA TYR A 40 -5.78 28.53 35.88
C TYR A 40 -5.70 27.62 34.67
N VAL A 41 -6.56 27.86 33.68
CA VAL A 41 -6.47 27.14 32.42
C VAL A 41 -5.45 27.86 31.56
N SER A 42 -4.46 27.13 31.06
CA SER A 42 -3.29 27.73 30.44
C SER A 42 -3.15 27.25 29.00
N GLN A 43 -2.96 28.20 28.09
CA GLN A 43 -2.95 27.92 26.65
C GLN A 43 -1.52 28.04 26.11
N GLN A 44 -0.67 27.11 26.55
CA GLN A 44 0.69 27.02 26.03
C GLN A 44 0.62 26.61 24.56
N GLY A 45 0.63 27.59 23.65
CA GLY A 45 0.39 27.33 22.25
C GLY A 45 -1.11 27.32 21.96
N GLY A 46 -1.68 26.14 21.73
CA GLY A 46 -3.12 26.02 21.59
C GLY A 46 -3.72 25.18 22.71
N GLN A 47 -2.88 24.47 23.44
CA GLN A 47 -3.31 23.50 24.45
C GLN A 47 -3.69 24.21 25.75
N ARG A 48 -4.98 24.23 26.06
CA ARG A 48 -5.50 24.76 27.32
C ARG A 48 -5.53 23.66 28.38
N SER A 49 -4.74 23.83 29.44
CA SER A 49 -4.65 22.83 30.50
C SER A 49 -4.24 23.51 31.81
N THR A 50 -4.46 22.79 32.91
CA THR A 50 -4.13 23.18 34.27
C THR A 50 -2.90 22.44 34.79
N PRO A 51 -2.25 22.97 35.84
CA PRO A 51 -1.07 22.29 36.41
C PRO A 51 -1.30 20.81 36.67
N LEU A 52 -2.43 20.44 37.28
CA LEU A 52 -2.71 19.03 37.50
C LEU A 52 -2.63 18.24 36.20
N ILE A 53 -3.16 18.78 35.11
CA ILE A 53 -3.30 18.00 33.87
C ILE A 53 -1.94 17.71 33.23
N ILE A 54 -1.16 18.76 32.91
CA ILE A 54 0.10 18.51 32.20
C ILE A 54 1.02 17.59 33.00
N ALA A 55 0.96 17.66 34.34
CA ALA A 55 1.72 16.73 35.18
C ALA A 55 1.30 15.30 34.91
N ALA A 56 -0.01 15.04 34.88
CA ALA A 56 -0.47 13.70 34.54
C ALA A 56 -0.17 13.39 33.08
N ARG A 57 -0.32 14.38 32.21
CA ARG A 57 0.01 14.19 30.80
C ARG A 57 1.49 13.86 30.63
N ASN A 58 2.36 14.42 31.49
CA ASN A 58 3.80 14.17 31.45
C ASN A 58 4.26 13.20 32.55
N GLY A 59 3.34 12.44 33.15
CA GLY A 59 3.70 11.39 34.09
C GLY A 59 4.54 11.81 35.29
N HIS A 60 4.34 13.04 35.77
CA HIS A 60 5.09 13.56 36.92
C HIS A 60 4.34 13.23 38.21
N ALA A 61 4.53 11.98 38.68
CA ALA A 61 3.84 11.49 39.87
C ALA A 61 4.03 12.37 41.08
N LYS A 62 5.28 12.79 41.35
CA LYS A 62 5.57 13.60 42.53
C LYS A 62 4.67 14.84 42.61
N VAL A 63 4.65 15.65 41.55
CA VAL A 63 3.82 16.85 41.59
C VAL A 63 2.34 16.47 41.60
N VAL A 64 1.97 15.34 40.98
CA VAL A 64 0.57 14.94 40.96
C VAL A 64 0.11 14.57 42.37
N ARG A 65 0.90 13.73 43.05
CA ARG A 65 0.63 13.39 44.43
C ARG A 65 0.47 14.63 45.32
N LEU A 66 1.44 15.55 45.27
CA LEU A 66 1.36 16.77 46.07
C LEU A 66 0.09 17.56 45.76
N LEU A 67 -0.18 17.78 44.46
CA LEU A 67 -1.36 18.55 44.09
C LEU A 67 -2.62 17.90 44.62
N LEU A 68 -2.70 16.58 44.56
CA LEU A 68 -3.91 15.89 44.99
C LEU A 68 -4.07 15.90 46.50
N GLU A 69 -2.98 15.88 47.25
CA GLU A 69 -3.11 15.80 48.69
C GLU A 69 -3.16 17.16 49.39
N HIS A 70 -1.99 17.77 49.52
CA HIS A 70 -1.87 18.99 50.31
C HIS A 70 -2.87 20.03 49.82
N TYR A 71 -2.81 20.35 48.55
CA TYR A 71 -3.62 21.42 47.98
C TYR A 71 -5.01 20.98 47.56
N ARG A 72 -5.25 19.66 47.43
CA ARG A 72 -6.60 19.12 47.24
C ARG A 72 -7.22 19.72 45.98
N VAL A 73 -6.88 19.17 44.83
CA VAL A 73 -7.31 19.73 43.54
C VAL A 73 -8.36 18.82 42.92
N GLN A 74 -9.23 19.42 42.11
CA GLN A 74 -10.31 18.67 41.49
C GLN A 74 -9.74 17.64 40.53
N THR A 75 -10.24 16.41 40.62
CA THR A 75 -9.80 15.41 39.65
C THR A 75 -10.56 15.51 38.33
N GLN A 76 -11.69 16.21 38.33
CA GLN A 76 -12.57 16.36 37.18
C GLN A 76 -12.21 17.51 36.26
N GLN A 77 -11.19 18.30 36.61
CA GLN A 77 -10.66 19.33 35.73
C GLN A 77 -10.47 18.81 34.31
N THR A 78 -11.06 19.52 33.34
CA THR A 78 -10.90 19.16 31.95
C THR A 78 -10.02 20.18 31.23
N GLY A 79 -9.59 19.80 30.05
CA GLY A 79 -8.79 20.67 29.21
C GLY A 79 -8.71 20.16 27.79
N THR A 80 -7.63 20.52 27.11
CA THR A 80 -7.44 20.20 25.69
C THR A 80 -5.95 20.00 25.46
N VAL A 81 -5.53 18.75 25.25
CA VAL A 81 -4.13 18.38 25.28
C VAL A 81 -3.70 17.82 23.93
N ARG A 82 -2.46 18.13 23.55
CA ARG A 82 -1.89 17.60 22.32
C ARG A 82 -1.39 16.19 22.52
N PHE A 83 -1.71 15.32 21.57
CA PHE A 83 -1.18 13.95 21.53
C PHE A 83 -0.83 13.65 20.08
N ASP A 84 0.46 13.48 19.80
CA ASP A 84 0.96 13.23 18.45
C ASP A 84 0.46 14.31 17.48
N GLY A 85 0.58 15.56 17.90
CA GLY A 85 0.11 16.67 17.08
C GLY A 85 -1.35 17.03 17.27
N TYR A 86 -2.21 16.04 17.46
CA TYR A 86 -3.64 16.29 17.59
C TYR A 86 -4.01 16.89 18.94
N VAL A 87 -4.99 17.79 18.91
CA VAL A 87 -5.53 18.44 20.10
C VAL A 87 -6.84 17.73 20.45
N ILE A 88 -6.83 16.95 21.50
CA ILE A 88 -8.03 16.28 21.97
C ILE A 88 -8.68 17.17 23.01
N ASP A 89 -10.00 17.12 23.10
CA ASP A 89 -10.78 18.06 23.90
C ASP A 89 -11.66 17.30 24.87
N GLY A 90 -11.96 17.95 25.99
CA GLY A 90 -12.74 17.34 27.05
C GLY A 90 -11.97 16.35 27.88
N ALA A 91 -10.66 16.53 28.00
CA ALA A 91 -9.80 15.56 28.65
C ALA A 91 -9.46 15.99 30.07
N THR A 92 -9.51 15.04 30.98
CA THR A 92 -9.09 15.22 32.37
C THR A 92 -7.67 14.68 32.52
N ALA A 93 -7.05 15.00 33.67
CA ALA A 93 -5.72 14.49 33.96
C ALA A 93 -5.68 12.97 33.86
N LEU A 94 -6.77 12.30 34.29
CA LEU A 94 -6.82 10.84 34.19
C LEU A 94 -6.94 10.38 32.74
N TRP A 95 -7.61 11.15 31.89
CA TRP A 95 -7.62 10.79 30.48
C TRP A 95 -6.24 10.93 29.86
N CYS A 96 -5.46 11.90 30.34
CA CYS A 96 -4.12 12.08 29.79
C CYS A 96 -3.18 10.96 30.20
N ALA A 97 -3.11 10.69 31.51
CA ALA A 97 -2.23 9.64 32.02
C ALA A 97 -2.60 8.28 31.48
N ALA A 98 -3.89 8.06 31.18
CA ALA A 98 -4.30 6.80 30.58
C ALA A 98 -3.70 6.64 29.20
N GLY A 99 -3.89 7.62 28.33
CA GLY A 99 -3.33 7.55 26.99
C GLY A 99 -1.82 7.65 26.98
N ALA A 100 -1.25 8.41 27.91
CA ALA A 100 0.19 8.64 27.96
C ALA A 100 0.98 7.48 28.54
N GLY A 101 0.32 6.42 29.01
CA GLY A 101 1.02 5.25 29.50
C GLY A 101 1.66 5.39 30.87
N HIS A 102 1.31 6.43 31.63
CA HIS A 102 1.89 6.70 32.95
C HIS A 102 1.04 6.01 34.03
N PHE A 103 1.34 4.73 34.26
CA PHE A 103 0.57 3.92 35.21
C PHE A 103 0.53 4.55 36.60
N GLU A 104 1.70 4.80 37.20
CA GLU A 104 1.76 5.29 38.57
C GLU A 104 0.86 6.50 38.77
N VAL A 105 0.84 7.41 37.80
CA VAL A 105 -0.06 8.56 37.89
C VAL A 105 -1.51 8.10 37.85
N VAL A 106 -1.82 7.15 36.96
CA VAL A 106 -3.19 6.66 36.83
C VAL A 106 -3.69 6.11 38.17
N LYS A 107 -2.89 5.24 38.80
CA LYS A 107 -3.21 4.72 40.13
C LYS A 107 -3.50 5.84 41.11
N LEU A 108 -2.53 6.75 41.27
CA LEU A 108 -2.68 7.96 42.07
C LEU A 108 -3.99 8.65 41.77
N LEU A 109 -4.26 8.86 40.50
CA LEU A 109 -5.42 9.63 40.11
C LEU A 109 -6.71 8.91 40.49
N VAL A 110 -6.73 7.58 40.30
CA VAL A 110 -7.88 6.80 40.73
C VAL A 110 -7.95 6.74 42.26
N SER A 111 -6.79 6.53 42.90
CA SER A 111 -6.72 6.50 44.35
C SER A 111 -7.36 7.72 45.00
N HIS A 112 -7.11 8.91 44.45
CA HIS A 112 -7.67 10.15 44.99
C HIS A 112 -9.02 10.49 44.37
N GLY A 113 -9.76 9.48 43.91
CA GLY A 113 -11.16 9.63 43.56
C GLY A 113 -11.41 10.30 42.23
N ALA A 114 -10.83 9.78 41.16
CA ALA A 114 -11.06 10.32 39.83
C ALA A 114 -12.06 9.46 39.07
N ASN A 115 -12.89 10.12 38.29
CA ASN A 115 -13.91 9.45 37.47
C ASN A 115 -13.24 8.61 36.39
N VAL A 116 -13.25 7.29 36.54
CA VAL A 116 -12.67 6.38 35.55
C VAL A 116 -13.53 6.31 34.30
N ASN A 117 -14.77 6.79 34.38
CA ASN A 117 -15.70 6.77 33.27
C ASN A 117 -15.90 8.15 32.67
N HIS A 118 -15.02 9.10 32.97
CA HIS A 118 -15.13 10.42 32.36
C HIS A 118 -15.01 10.35 30.85
N THR A 119 -15.88 11.08 30.17
CA THR A 119 -15.92 11.08 28.72
C THR A 119 -15.33 12.39 28.21
N THR A 120 -14.52 12.31 27.16
CA THR A 120 -14.08 13.51 26.47
C THR A 120 -15.23 14.07 25.64
N VAL A 121 -14.94 15.14 24.91
CA VAL A 121 -15.94 15.67 23.97
C VAL A 121 -16.22 14.62 22.89
N THR A 122 -15.18 13.93 22.42
CA THR A 122 -15.32 12.83 21.50
C THR A 122 -15.97 11.60 22.14
N ASN A 123 -16.16 11.62 23.47
CA ASN A 123 -16.73 10.54 24.28
C ASN A 123 -15.73 9.40 24.46
N SER A 124 -14.44 9.75 24.55
CA SER A 124 -13.38 8.76 24.75
C SER A 124 -13.13 8.61 26.26
N THR A 125 -13.40 7.42 26.78
CA THR A 125 -13.07 7.11 28.16
C THR A 125 -11.55 7.01 28.32
N PRO A 126 -11.04 7.23 29.54
CA PRO A 126 -9.61 6.95 29.77
C PRO A 126 -9.25 5.52 29.44
N LEU A 127 -10.20 4.59 29.59
CA LEU A 127 -9.97 3.22 29.19
C LEU A 127 -9.73 3.10 27.69
N ARG A 128 -10.47 3.85 26.88
CA ARG A 128 -10.19 3.88 25.45
C ARG A 128 -8.76 4.36 25.18
N ALA A 129 -8.39 5.50 25.75
CA ALA A 129 -7.03 6.01 25.60
C ALA A 129 -6.00 4.93 25.93
N ALA A 130 -6.23 4.22 27.04
CA ALA A 130 -5.36 3.10 27.40
C ALA A 130 -5.43 1.99 26.37
N CYS A 131 -6.61 1.76 25.79
CA CYS A 131 -6.75 0.71 24.79
C CYS A 131 -6.05 1.11 23.50
N PHE A 132 -6.23 2.36 23.07
CA PHE A 132 -5.48 2.88 21.93
C PHE A 132 -3.99 2.68 22.14
N ASP A 133 -3.50 3.12 23.30
CA ASP A 133 -2.08 3.04 23.59
C ASP A 133 -1.62 1.59 23.83
N GLY A 134 -2.47 0.79 24.46
CA GLY A 134 -2.15 -0.62 24.62
C GLY A 134 -1.35 -0.98 25.85
N ARG A 135 -1.40 -0.17 26.91
CA ARG A 135 -0.70 -0.45 28.17
C ARG A 135 -1.63 -1.29 29.03
N LEU A 136 -1.44 -2.62 28.98
CA LEU A 136 -2.38 -3.55 29.58
C LEU A 136 -2.55 -3.34 31.09
N ASP A 137 -1.44 -3.09 31.82
CA ASP A 137 -1.55 -2.74 33.24
C ASP A 137 -2.64 -1.70 33.49
N ILE A 138 -2.63 -0.59 32.75
CA ILE A 138 -3.63 0.46 32.97
C ILE A 138 -5.03 -0.08 32.65
N VAL A 139 -5.18 -0.72 31.49
CA VAL A 139 -6.48 -1.28 31.12
C VAL A 139 -7.00 -2.20 32.23
N LYS A 140 -6.17 -3.19 32.60
CA LYS A 140 -6.45 -4.05 33.75
C LYS A 140 -6.89 -3.24 34.95
N TYR A 141 -6.03 -2.32 35.40
CA TYR A 141 -6.33 -1.50 36.56
C TYR A 141 -7.61 -0.69 36.33
N LEU A 142 -7.70 0.00 35.19
CA LEU A 142 -8.87 0.82 34.92
C LEU A 142 -10.14 -0.01 34.99
N VAL A 143 -10.12 -1.19 34.38
CA VAL A 143 -11.28 -2.07 34.37
C VAL A 143 -11.57 -2.58 35.78
N GLU A 144 -10.53 -3.02 36.49
CA GLU A 144 -10.72 -3.48 37.86
C GLU A 144 -11.21 -2.39 38.80
N ASN A 145 -11.17 -1.12 38.40
CA ASN A 145 -11.79 -0.02 39.11
C ASN A 145 -13.01 0.54 38.38
N ASN A 146 -13.79 -0.34 37.76
CA ASN A 146 -15.13 -0.04 37.25
C ASN A 146 -15.13 0.92 36.06
N ALA A 147 -14.07 0.95 35.26
CA ALA A 147 -14.14 1.61 33.97
C ALA A 147 -15.06 0.82 33.03
N ASN A 148 -16.10 1.46 32.51
CA ASN A 148 -17.06 0.76 31.67
C ASN A 148 -16.44 0.48 30.31
N ILE A 149 -16.35 -0.81 29.96
CA ILE A 149 -15.78 -1.20 28.67
C ILE A 149 -16.74 -0.95 27.52
N SER A 150 -18.02 -0.73 27.79
CA SER A 150 -19.01 -0.70 26.73
C SER A 150 -19.27 0.69 26.18
N ILE A 151 -18.90 1.76 26.90
CA ILE A 151 -19.05 3.10 26.35
C ILE A 151 -18.04 3.28 25.22
N ALA A 152 -18.52 3.86 24.11
CA ALA A 152 -17.74 3.90 22.87
C ALA A 152 -17.52 5.31 22.34
N ASN A 153 -16.94 5.39 21.14
CA ASN A 153 -16.61 6.66 20.49
C ASN A 153 -17.88 7.41 20.10
N LYS A 154 -17.70 8.65 19.64
CA LYS A 154 -18.80 9.39 19.04
C LYS A 154 -19.36 8.68 17.82
N TYR A 155 -18.56 7.79 17.23
CA TYR A 155 -18.93 6.98 16.07
C TYR A 155 -19.08 5.51 16.45
N ASP A 156 -19.22 5.25 17.76
CA ASP A 156 -19.46 3.91 18.28
C ASP A 156 -18.29 2.97 17.97
N ASN A 157 -17.08 3.49 18.20
CA ASN A 157 -15.85 2.72 18.11
C ASN A 157 -15.52 2.23 19.51
N THR A 158 -15.76 0.96 19.77
CA THR A 158 -15.58 0.39 21.10
C THR A 158 -14.10 0.31 21.47
N CYS A 159 -13.83 0.35 22.78
CA CYS A 159 -12.49 0.05 23.29
C CYS A 159 -11.92 -1.21 22.65
N LEU A 160 -12.77 -2.19 22.36
CA LEU A 160 -12.28 -3.44 21.78
C LEU A 160 -11.82 -3.24 20.35
N MET A 161 -12.55 -2.46 19.56
CA MET A 161 -12.18 -2.22 18.17
C MET A 161 -10.80 -1.58 18.04
N ILE A 162 -10.62 -0.44 18.71
CA ILE A 162 -9.38 0.32 18.55
C ILE A 162 -8.18 -0.53 18.92
N ALA A 163 -8.32 -1.39 19.94
CA ALA A 163 -7.23 -2.29 20.28
C ALA A 163 -7.06 -3.38 19.23
N ALA A 164 -8.17 -3.89 18.69
CA ALA A 164 -8.08 -4.83 17.58
C ALA A 164 -7.47 -4.16 16.35
N TYR A 165 -7.58 -2.83 16.28
CA TYR A 165 -7.01 -2.03 15.20
C TYR A 165 -5.52 -1.81 15.43
N LYS A 166 -5.16 -1.16 16.54
CA LYS A 166 -3.76 -0.99 16.92
C LYS A 166 -3.09 -2.26 17.44
N GLY A 167 -3.35 -3.41 16.82
CA GLY A 167 -2.76 -4.69 17.16
C GLY A 167 -2.36 -5.00 18.60
N HIS A 168 -3.22 -4.70 19.57
CA HIS A 168 -2.91 -4.95 20.98
C HIS A 168 -3.50 -6.29 21.43
N THR A 169 -3.03 -7.36 20.78
CA THR A 169 -3.51 -8.73 21.00
C THR A 169 -3.85 -9.04 22.45
N ASP A 170 -2.93 -8.74 23.36
CA ASP A 170 -3.14 -9.11 24.75
C ASP A 170 -4.21 -8.23 25.40
N VAL A 171 -4.25 -6.94 25.04
CA VAL A 171 -5.34 -6.09 25.50
C VAL A 171 -6.67 -6.59 24.97
N VAL A 172 -6.69 -7.08 23.72
CA VAL A 172 -7.92 -7.59 23.11
C VAL A 172 -8.43 -8.79 23.90
N ARG A 173 -7.58 -9.83 24.02
CA ARG A 173 -7.94 -10.99 24.82
C ARG A 173 -8.44 -10.59 26.20
N TYR A 174 -7.83 -9.56 26.79
CA TYR A 174 -8.31 -9.08 28.09
C TYR A 174 -9.76 -8.64 28.01
N LEU A 175 -10.03 -7.62 27.20
CA LEU A 175 -11.39 -7.12 27.07
C LEU A 175 -12.38 -8.26 26.82
N LEU A 176 -11.98 -9.24 26.01
CA LEU A 176 -12.82 -10.40 25.75
C LEU A 176 -13.04 -11.23 27.01
N GLU A 177 -11.97 -11.53 27.75
CA GLU A 177 -12.14 -12.18 29.06
C GLU A 177 -13.12 -11.41 29.92
N GLN A 178 -13.08 -10.07 29.86
CA GLN A 178 -14.07 -9.26 30.54
C GLN A 178 -15.39 -9.18 29.79
N ARG A 179 -15.62 -10.10 28.85
CA ARG A 179 -16.93 -10.22 28.19
C ARG A 179 -17.29 -8.94 27.44
N ALA A 180 -16.29 -8.30 26.86
CA ALA A 180 -16.58 -7.18 25.95
C ALA A 180 -17.35 -7.71 24.74
N ASP A 181 -18.39 -6.98 24.35
CA ASP A 181 -19.27 -7.45 23.28
C ASP A 181 -18.47 -7.48 21.98
N PRO A 182 -18.23 -8.66 21.40
CA PRO A 182 -17.43 -8.70 20.17
C PRO A 182 -18.18 -8.20 18.95
N ASN A 183 -19.51 -8.30 18.92
CA ASN A 183 -20.29 -7.96 17.75
C ASN A 183 -20.88 -6.56 17.82
N ALA A 184 -20.43 -5.74 18.76
CA ALA A 184 -20.72 -4.32 18.69
C ALA A 184 -20.33 -3.78 17.32
N LYS A 185 -21.14 -2.86 16.79
CA LYS A 185 -20.95 -2.37 15.43
C LYS A 185 -20.72 -0.87 15.44
N ALA A 186 -19.81 -0.42 14.59
CA ALA A 186 -19.54 1.00 14.46
C ALA A 186 -20.53 1.65 13.50
N HIS A 187 -20.51 2.98 13.46
CA HIS A 187 -21.32 3.73 12.52
C HIS A 187 -21.12 3.25 11.08
N CYS A 188 -19.86 3.21 10.63
CA CYS A 188 -19.52 2.69 9.30
C CYS A 188 -19.92 1.23 9.13
N GLY A 189 -20.43 0.61 10.18
CA GLY A 189 -20.94 -0.75 10.11
C GLY A 189 -19.97 -1.82 10.53
N ALA A 190 -18.81 -1.46 11.04
CA ALA A 190 -17.74 -2.42 11.27
C ALA A 190 -17.81 -3.07 12.65
N THR A 191 -17.26 -4.28 12.72
CA THR A 191 -16.97 -4.99 13.95
C THR A 191 -15.46 -5.04 14.16
N ALA A 192 -15.06 -5.34 15.40
CA ALA A 192 -13.63 -5.49 15.67
C ALA A 192 -12.97 -6.48 14.72
N LEU A 193 -13.76 -7.43 14.19
CA LEU A 193 -13.25 -8.36 13.17
C LEU A 193 -12.81 -7.61 11.91
N HIS A 194 -13.67 -6.74 11.39
CA HIS A 194 -13.30 -5.94 10.23
C HIS A 194 -11.98 -5.22 10.45
N PHE A 195 -11.89 -4.46 11.55
CA PHE A 195 -10.65 -3.75 11.88
C PHE A 195 -9.45 -4.68 11.91
N ALA A 196 -9.55 -5.78 12.66
CA ALA A 196 -8.43 -6.70 12.78
C ALA A 196 -8.09 -7.36 11.45
N ALA A 197 -9.11 -7.72 10.67
CA ALA A 197 -8.87 -8.35 9.38
C ALA A 197 -8.15 -7.41 8.42
N GLU A 198 -8.64 -6.17 8.30
CA GLU A 198 -7.99 -5.23 7.38
C GLU A 198 -6.56 -4.97 7.81
N ALA A 199 -6.31 -4.91 9.13
CA ALA A 199 -4.98 -4.69 9.67
C ALA A 199 -4.15 -5.98 9.74
N GLY A 200 -4.69 -7.11 9.32
CA GLY A 200 -3.91 -8.35 9.24
C GLY A 200 -3.41 -8.88 10.56
N HIS A 201 -4.13 -8.62 11.65
CA HIS A 201 -3.70 -9.05 12.97
C HIS A 201 -4.20 -10.47 13.24
N ILE A 202 -3.41 -11.45 12.78
CA ILE A 202 -3.79 -12.86 12.86
C ILE A 202 -4.20 -13.27 14.27
N ASP A 203 -3.33 -13.00 15.26
CA ASP A 203 -3.62 -13.43 16.62
C ASP A 203 -4.97 -12.87 17.10
N ILE A 204 -5.25 -11.60 16.82
CA ILE A 204 -6.49 -10.99 17.29
C ILE A 204 -7.70 -11.61 16.57
N VAL A 205 -7.58 -11.86 15.26
CA VAL A 205 -8.66 -12.50 14.53
C VAL A 205 -8.97 -13.87 15.13
N LYS A 206 -7.93 -14.56 15.60
CA LYS A 206 -8.14 -15.84 16.28
C LYS A 206 -9.02 -15.66 17.51
N GLU A 207 -8.56 -14.82 18.44
CA GLU A 207 -9.33 -14.55 19.65
C GLU A 207 -10.74 -14.08 19.32
N LEU A 208 -10.89 -13.23 18.32
CA LEU A 208 -12.24 -12.77 17.97
C LEU A 208 -13.11 -13.94 17.56
N ILE A 209 -12.59 -14.79 16.67
CA ILE A 209 -13.35 -15.97 16.26
C ILE A 209 -13.49 -16.93 17.43
N LYS A 210 -12.45 -17.03 18.26
CA LYS A 210 -12.51 -17.87 19.46
C LYS A 210 -13.65 -17.45 20.39
N TRP A 211 -14.11 -16.21 20.30
CA TRP A 211 -15.22 -15.73 21.13
C TRP A 211 -16.48 -15.56 20.32
N ARG A 212 -16.71 -16.48 19.38
CA ARG A 212 -17.96 -16.56 18.62
C ARG A 212 -18.26 -15.22 17.96
N ALA A 213 -17.32 -14.80 17.11
CA ALA A 213 -17.41 -13.53 16.44
C ALA A 213 -18.38 -13.65 15.27
N ALA A 214 -19.46 -12.87 15.32
CA ALA A 214 -20.40 -12.90 14.21
C ALA A 214 -19.73 -12.34 12.96
N ILE A 215 -19.96 -13.00 11.83
CA ILE A 215 -19.45 -12.53 10.54
C ILE A 215 -20.53 -11.59 10.02
N VAL A 216 -20.43 -10.32 10.44
CA VAL A 216 -21.42 -9.32 10.08
C VAL A 216 -20.92 -8.61 8.84
N VAL A 217 -21.84 -7.92 8.17
CA VAL A 217 -21.52 -7.16 6.96
C VAL A 217 -21.48 -5.69 7.36
N ASN A 218 -20.39 -5.01 6.97
CA ASN A 218 -20.19 -3.62 7.36
C ASN A 218 -21.00 -2.69 6.47
N GLY A 219 -20.84 -1.38 6.70
CA GLY A 219 -21.60 -0.39 5.94
C GLY A 219 -21.32 -0.44 4.45
N HIS A 220 -20.13 -0.90 4.07
CA HIS A 220 -19.81 -1.10 2.67
C HIS A 220 -20.41 -2.37 2.11
N GLY A 221 -21.02 -3.20 2.97
CA GLY A 221 -21.48 -4.51 2.58
C GLY A 221 -20.29 -5.41 2.34
N MET A 222 -19.39 -5.51 3.32
CA MET A 222 -18.21 -6.35 3.19
C MET A 222 -17.98 -7.11 4.49
N THR A 223 -18.03 -8.44 4.41
CA THR A 223 -17.64 -9.30 5.50
C THR A 223 -16.19 -9.06 5.85
N PRO A 224 -15.78 -9.36 7.10
CA PRO A 224 -14.34 -9.31 7.42
C PRO A 224 -13.49 -10.13 6.46
N LEU A 225 -14.05 -11.21 5.92
CA LEU A 225 -13.36 -11.98 4.89
C LEU A 225 -13.05 -11.12 3.67
N LYS A 226 -14.07 -10.48 3.09
CA LYS A 226 -13.88 -9.64 1.92
C LYS A 226 -12.94 -8.48 2.22
N VAL A 227 -13.12 -7.85 3.39
CA VAL A 227 -12.23 -6.76 3.79
C VAL A 227 -10.78 -7.23 3.83
N ALA A 228 -10.54 -8.34 4.52
CA ALA A 228 -9.18 -8.85 4.64
C ALA A 228 -8.58 -9.28 3.31
N ALA A 229 -9.43 -9.59 2.33
CA ALA A 229 -8.94 -9.92 0.99
C ALA A 229 -8.65 -8.66 0.18
N GLU A 230 -9.48 -7.63 0.34
CA GLU A 230 -9.24 -6.33 -0.30
C GLU A 230 -8.03 -5.64 0.30
N SER A 231 -7.89 -5.68 1.63
CA SER A 231 -6.64 -5.22 2.23
C SER A 231 -5.47 -6.14 1.92
N CYS A 232 -5.70 -7.21 1.14
CA CYS A 232 -4.67 -8.13 0.69
C CYS A 232 -3.90 -8.75 1.87
N LYS A 233 -4.66 -9.32 2.82
CA LYS A 233 -4.10 -9.95 4.01
C LYS A 233 -4.31 -11.47 3.95
N ALA A 234 -3.59 -12.12 3.04
CA ALA A 234 -3.79 -13.53 2.72
C ALA A 234 -3.88 -14.42 3.96
N ASP A 235 -2.93 -14.26 4.89
CA ASP A 235 -2.93 -15.02 6.14
C ASP A 235 -4.30 -15.02 6.82
N VAL A 236 -4.78 -13.85 7.18
CA VAL A 236 -6.12 -13.71 7.78
C VAL A 236 -7.16 -14.40 6.92
N VAL A 237 -7.11 -14.17 5.60
CA VAL A 237 -8.16 -14.66 4.71
C VAL A 237 -8.24 -16.18 4.73
N GLU A 238 -7.08 -16.84 4.81
CA GLU A 238 -7.08 -18.30 4.89
C GLU A 238 -7.61 -18.77 6.24
N LEU A 239 -7.28 -18.06 7.32
CA LEU A 239 -7.84 -18.37 8.62
C LEU A 239 -9.36 -18.32 8.55
N LEU A 240 -9.93 -17.14 8.29
CA LEU A 240 -11.39 -17.00 8.27
C LEU A 240 -12.05 -18.05 7.37
N LEU A 241 -11.37 -18.44 6.28
CA LEU A 241 -11.98 -19.40 5.37
C LEU A 241 -11.98 -20.81 5.92
N SER A 242 -11.30 -21.06 7.05
CA SER A 242 -11.39 -22.38 7.66
C SER A 242 -12.50 -22.43 8.68
N HIS A 243 -13.53 -21.60 8.47
CA HIS A 243 -14.71 -21.50 9.32
C HIS A 243 -15.90 -21.25 8.38
N ALA A 244 -16.29 -22.30 7.63
CA ALA A 244 -17.36 -22.29 6.63
C ALA A 244 -18.18 -21.01 6.63
N ASP A 245 -19.30 -21.00 7.37
CA ASP A 245 -20.16 -19.83 7.54
C ASP A 245 -20.56 -19.14 6.24
N CYS A 246 -19.58 -18.80 5.41
CA CYS A 246 -19.80 -18.21 4.11
C CYS A 246 -20.09 -19.28 3.07
N ASP A 247 -20.97 -18.95 2.13
CA ASP A 247 -21.39 -19.78 1.01
C ASP A 247 -20.22 -20.34 0.18
N ARG A 248 -20.54 -20.87 -0.99
CA ARG A 248 -19.49 -21.16 -1.96
C ARG A 248 -19.21 -19.91 -2.77
N ARG A 249 -20.28 -19.16 -3.11
CA ARG A 249 -20.11 -17.87 -3.76
C ARG A 249 -19.17 -16.98 -2.95
N SER A 250 -19.46 -16.83 -1.65
CA SER A 250 -18.66 -15.98 -0.79
C SER A 250 -17.21 -16.44 -0.76
N ARG A 251 -16.99 -17.74 -0.67
CA ARG A 251 -15.62 -18.26 -0.59
C ARG A 251 -14.84 -17.95 -1.87
N ILE A 252 -15.51 -18.00 -3.03
CA ILE A 252 -14.84 -17.71 -4.28
C ILE A 252 -14.53 -16.22 -4.39
N GLU A 253 -15.54 -15.38 -4.13
CA GLU A 253 -15.36 -13.93 -4.23
C GLU A 253 -14.13 -13.47 -3.44
N ALA A 254 -14.01 -13.96 -2.21
CA ALA A 254 -12.84 -13.63 -1.40
C ALA A 254 -11.55 -14.04 -2.10
N LEU A 255 -11.50 -15.28 -2.60
CA LEU A 255 -10.31 -15.76 -3.29
C LEU A 255 -9.96 -14.86 -4.46
N GLU A 256 -10.93 -14.61 -5.35
CA GLU A 256 -10.71 -13.73 -6.49
C GLU A 256 -10.28 -12.35 -6.04
N LEU A 257 -11.07 -11.73 -5.17
CA LEU A 257 -10.73 -10.44 -4.60
C LEU A 257 -9.28 -10.45 -4.11
N LEU A 258 -8.95 -11.38 -3.22
CA LEU A 258 -7.59 -11.47 -2.72
C LEU A 258 -6.58 -11.57 -3.86
N GLY A 259 -6.79 -12.53 -4.77
CA GLY A 259 -5.94 -12.61 -5.95
C GLY A 259 -5.83 -11.29 -6.69
N ALA A 260 -6.96 -10.60 -6.86
CA ALA A 260 -6.95 -9.30 -7.51
C ALA A 260 -6.06 -8.33 -6.75
N SER A 261 -6.26 -8.25 -5.44
CA SER A 261 -5.50 -7.34 -4.58
C SER A 261 -4.01 -7.64 -4.51
N PHE A 262 -3.54 -8.73 -5.12
CA PHE A 262 -2.11 -8.94 -5.23
C PHE A 262 -1.51 -8.22 -6.44
N ALA A 263 -2.34 -7.83 -7.41
CA ALA A 263 -1.88 -7.03 -8.53
C ALA A 263 -2.23 -5.56 -8.39
N ASN A 264 -3.27 -5.23 -7.63
CA ASN A 264 -3.62 -3.84 -7.42
C ASN A 264 -2.86 -3.23 -6.25
N ASP A 265 -2.51 -4.04 -5.25
CA ASP A 265 -1.76 -3.52 -4.11
C ASP A 265 -0.43 -2.96 -4.60
N ARG A 266 0.01 -1.88 -3.98
CA ARG A 266 1.30 -1.28 -4.31
C ARG A 266 2.44 -1.89 -3.51
N GLU A 267 2.26 -1.98 -2.19
CA GLU A 267 3.27 -2.56 -1.31
C GLU A 267 3.50 -4.01 -1.68
N ASN A 268 2.68 -4.89 -1.12
CA ASN A 268 2.69 -6.30 -1.49
C ASN A 268 2.21 -6.47 -2.92
N TYR A 269 3.04 -7.04 -3.77
CA TYR A 269 2.63 -7.21 -5.16
C TYR A 269 3.26 -8.50 -5.65
N ASP A 270 2.42 -9.48 -6.03
CA ASP A 270 2.95 -10.77 -6.46
C ASP A 270 2.01 -11.35 -7.51
N ILE A 271 2.37 -11.20 -8.80
CA ILE A 271 1.56 -11.79 -9.87
C ILE A 271 1.58 -13.33 -9.80
N ILE A 272 2.57 -13.92 -9.14
CA ILE A 272 2.49 -15.37 -8.89
C ILE A 272 1.33 -15.66 -7.95
N LYS A 273 1.24 -14.90 -6.86
CA LYS A 273 0.08 -15.05 -5.96
C LYS A 273 -1.21 -14.54 -6.58
N THR A 274 -1.16 -13.83 -7.71
CA THR A 274 -2.39 -13.53 -8.42
C THR A 274 -2.89 -14.80 -9.11
N TYR A 275 -2.07 -15.37 -10.00
CA TYR A 275 -2.33 -16.67 -10.63
C TYR A 275 -2.13 -17.73 -9.55
N HIS A 276 -3.13 -17.87 -8.69
CA HIS A 276 -3.11 -18.84 -7.60
C HIS A 276 -4.45 -18.73 -6.88
N TYR A 277 -4.81 -17.51 -6.51
CA TYR A 277 -6.12 -17.26 -5.90
C TYR A 277 -7.18 -17.08 -6.98
N LEU A 278 -6.75 -16.66 -8.18
CA LEU A 278 -7.68 -16.58 -9.31
C LEU A 278 -7.86 -17.94 -9.95
N TYR A 279 -6.79 -18.74 -10.02
CA TYR A 279 -6.93 -20.10 -10.54
C TYR A 279 -7.70 -20.99 -9.56
N LEU A 280 -7.47 -20.84 -8.26
CA LEU A 280 -8.26 -21.56 -7.26
C LEU A 280 -9.75 -21.23 -7.39
N ALA A 281 -10.07 -19.97 -7.66
CA ALA A 281 -11.45 -19.52 -7.74
C ALA A 281 -12.26 -20.27 -8.79
N MET A 282 -11.64 -20.60 -9.93
CA MET A 282 -12.31 -21.38 -10.97
C MET A 282 -12.81 -22.69 -10.36
N LEU A 283 -14.03 -22.68 -9.81
CA LEU A 283 -14.63 -23.85 -9.20
C LEU A 283 -15.43 -24.68 -10.21
N GLU A 284 -15.42 -25.99 -10.03
CA GLU A 284 -16.15 -26.88 -10.93
C GLU A 284 -17.00 -27.88 -10.17
N ARG A 285 -17.98 -28.41 -10.90
CA ARG A 285 -18.86 -29.51 -10.52
C ARG A 285 -19.73 -29.74 -11.75
N PHE A 286 -21.05 -29.62 -11.60
CA PHE A 286 -21.94 -29.50 -12.74
C PHE A 286 -22.63 -28.14 -12.74
N GLN A 287 -21.99 -27.16 -12.10
CA GLN A 287 -22.53 -25.82 -11.92
C GLN A 287 -21.33 -24.89 -11.78
N ASP A 288 -21.52 -23.63 -12.16
CA ASP A 288 -20.39 -22.71 -12.21
C ASP A 288 -20.59 -21.39 -11.49
N GLY A 289 -20.39 -20.30 -12.22
CA GLY A 289 -20.51 -18.95 -11.71
C GLY A 289 -20.38 -17.91 -12.82
N LYS A 295 -20.09 -13.98 -14.45
CA LYS A 295 -20.69 -13.09 -15.43
C LYS A 295 -19.79 -11.88 -15.58
N GLU A 296 -19.08 -11.82 -16.70
CA GLU A 296 -18.01 -10.86 -16.83
C GLU A 296 -18.57 -9.56 -17.39
N VAL A 297 -17.70 -8.57 -17.54
CA VAL A 297 -18.12 -7.24 -17.92
C VAL A 297 -17.42 -6.84 -19.21
N LEU A 298 -17.99 -5.83 -19.86
CA LEU A 298 -17.49 -5.40 -21.15
C LEU A 298 -16.14 -4.71 -20.99
N PRO A 299 -15.28 -4.81 -22.01
CA PRO A 299 -14.01 -4.11 -21.96
C PRO A 299 -14.24 -2.62 -21.89
N PRO A 300 -13.47 -1.90 -21.08
CA PRO A 300 -13.79 -0.49 -20.82
C PRO A 300 -13.38 0.40 -21.97
N ILE A 301 -14.16 1.48 -22.15
CA ILE A 301 -14.07 2.43 -23.26
C ILE A 301 -12.63 2.59 -23.76
N HIS A 302 -11.65 2.53 -22.85
CA HIS A 302 -10.25 2.42 -23.27
C HIS A 302 -9.40 1.75 -22.21
N ALA A 303 -9.70 2.00 -20.94
CA ALA A 303 -8.98 1.44 -19.79
C ALA A 303 -8.73 -0.06 -19.89
N TYR A 304 -7.90 -0.58 -18.98
CA TYR A 304 -7.55 -2.00 -18.89
C TYR A 304 -7.21 -2.62 -20.24
N GLY A 305 -6.77 -1.81 -21.20
CA GLY A 305 -6.35 -2.35 -22.49
C GLY A 305 -7.44 -3.04 -23.28
N ASN A 306 -8.71 -2.63 -23.10
CA ASN A 306 -9.86 -3.22 -23.79
C ASN A 306 -9.83 -4.75 -23.72
N ARG A 307 -9.78 -5.28 -22.50
CA ARG A 307 -9.65 -6.70 -22.27
C ARG A 307 -10.86 -7.27 -21.54
N THR A 308 -11.05 -8.57 -21.68
CA THR A 308 -12.15 -9.30 -21.04
C THR A 308 -11.57 -10.31 -20.07
N GLU A 309 -12.22 -10.43 -18.90
CA GLU A 309 -11.76 -11.35 -17.87
C GLU A 309 -11.79 -12.77 -18.41
N CYS A 310 -11.07 -13.67 -17.73
CA CYS A 310 -11.12 -15.06 -18.12
C CYS A 310 -12.42 -15.69 -17.62
N ARG A 311 -12.89 -16.67 -18.39
CA ARG A 311 -14.09 -17.42 -18.05
C ARG A 311 -13.79 -18.91 -17.94
N ASN A 312 -13.23 -19.50 -18.99
CA ASN A 312 -12.83 -20.89 -18.90
C ASN A 312 -11.60 -21.01 -17.99
N PRO A 313 -11.49 -22.09 -17.22
CA PRO A 313 -10.21 -22.38 -16.57
C PRO A 313 -9.09 -22.54 -17.59
N GLN A 314 -9.42 -22.99 -18.80
CA GLN A 314 -8.46 -23.02 -19.89
C GLN A 314 -8.11 -21.60 -20.34
N GLU A 315 -9.09 -20.70 -20.33
CA GLU A 315 -8.84 -19.31 -20.65
C GLU A 315 -7.79 -18.73 -19.72
N LEU A 316 -7.88 -19.06 -18.43
CA LEU A 316 -6.98 -18.51 -17.43
C LEU A 316 -5.58 -19.11 -17.54
N GLU A 317 -5.47 -20.46 -17.60
CA GLU A 317 -4.18 -21.13 -17.78
C GLU A 317 -3.26 -20.46 -18.81
N SER A 318 -3.82 -20.03 -19.96
CA SER A 318 -2.99 -19.42 -21.00
C SER A 318 -2.35 -18.13 -20.56
N ILE A 319 -2.78 -17.59 -19.42
CA ILE A 319 -2.25 -16.31 -18.93
C ILE A 319 -1.26 -16.52 -17.80
N ARG A 320 -1.00 -17.76 -17.39
CA ARG A 320 -0.05 -18.01 -16.31
C ARG A 320 1.28 -17.32 -16.54
N GLN A 321 1.63 -17.08 -17.79
CA GLN A 321 2.96 -16.61 -18.14
C GLN A 321 3.03 -15.20 -18.68
N ASP A 322 1.92 -14.47 -18.70
CA ASP A 322 1.90 -13.11 -19.21
C ASP A 322 1.90 -12.22 -17.98
N ARG A 323 3.09 -11.85 -17.51
CA ARG A 323 3.25 -10.94 -16.38
C ARG A 323 2.32 -9.75 -16.51
N ASP A 324 2.17 -9.27 -17.74
CA ASP A 324 1.38 -8.07 -18.01
C ASP A 324 -0.13 -8.36 -17.96
N ALA A 325 -0.58 -9.33 -18.76
CA ALA A 325 -2.02 -9.61 -18.84
C ALA A 325 -2.56 -10.06 -17.48
N LEU A 326 -1.75 -10.76 -16.69
CA LEU A 326 -2.19 -11.16 -15.36
C LEU A 326 -2.49 -9.95 -14.49
N HIS A 327 -1.54 -9.01 -14.43
CA HIS A 327 -1.77 -7.71 -13.80
C HIS A 327 -3.08 -7.10 -14.26
N MET A 328 -3.27 -6.98 -15.58
CA MET A 328 -4.50 -6.40 -16.10
C MET A 328 -5.71 -7.20 -15.64
N GLU A 329 -5.56 -8.53 -15.58
CA GLU A 329 -6.67 -9.36 -15.13
C GLU A 329 -7.09 -9.01 -13.72
N GLY A 330 -6.11 -8.84 -12.82
CA GLY A 330 -6.42 -8.49 -11.44
C GLY A 330 -7.20 -7.20 -11.32
N LEU A 331 -6.83 -6.17 -12.08
CA LEU A 331 -7.57 -4.92 -12.07
C LEU A 331 -9.00 -5.13 -12.54
N ILE A 332 -9.18 -5.92 -13.60
CA ILE A 332 -10.52 -6.22 -14.09
C ILE A 332 -11.33 -6.89 -12.99
N VAL A 333 -10.76 -7.89 -12.33
CA VAL A 333 -11.47 -8.61 -11.26
C VAL A 333 -11.88 -7.65 -10.15
N ARG A 334 -10.97 -6.76 -9.73
CA ARG A 334 -11.29 -5.78 -8.69
C ARG A 334 -12.49 -4.93 -9.09
N GLU A 335 -12.48 -4.42 -10.33
CA GLU A 335 -13.57 -3.55 -10.77
C GLU A 335 -14.91 -4.27 -10.72
N ARG A 336 -14.91 -5.58 -10.96
CA ARG A 336 -16.13 -6.36 -10.88
C ARG A 336 -16.67 -6.38 -9.46
N ILE A 337 -15.81 -6.63 -8.47
CA ILE A 337 -16.26 -6.81 -7.10
C ILE A 337 -15.97 -5.54 -6.29
N LEU A 338 -16.11 -4.38 -6.92
CA LEU A 338 -15.93 -3.12 -6.22
C LEU A 338 -16.66 -1.98 -6.92
N GLY A 339 -16.26 -1.69 -8.16
CA GLY A 339 -16.75 -0.54 -8.87
C GLY A 339 -15.76 0.61 -8.84
N HIS B 2 20.19 -45.79 -27.03
CA HIS B 2 18.88 -45.27 -27.41
C HIS B 2 19.02 -44.13 -28.43
N MET B 3 20.17 -43.43 -28.37
CA MET B 3 20.54 -42.21 -29.09
C MET B 3 19.73 -41.05 -28.54
N GLU B 4 18.41 -41.23 -28.48
CA GLU B 4 17.53 -40.29 -27.78
C GLU B 4 17.93 -40.17 -26.33
N GLY B 5 18.65 -41.17 -25.83
CA GLY B 5 19.23 -41.09 -24.51
C GLY B 5 20.52 -40.30 -24.46
N LEU B 6 21.32 -40.31 -25.54
CA LEU B 6 22.57 -39.54 -25.50
C LEU B 6 22.32 -38.03 -25.58
N ALA B 7 21.25 -37.63 -26.26
CA ALA B 7 20.84 -36.22 -26.32
C ALA B 7 20.76 -35.59 -24.93
N GLY B 8 20.34 -36.36 -23.94
CA GLY B 8 20.28 -35.82 -22.59
C GLY B 8 21.64 -35.42 -22.05
N TYR B 9 22.67 -36.23 -22.34
CA TYR B 9 24.02 -35.90 -21.87
C TYR B 9 24.55 -34.59 -22.48
N VAL B 10 24.24 -34.30 -23.74
CA VAL B 10 24.77 -33.07 -24.33
C VAL B 10 24.06 -31.85 -23.74
N TYR B 11 22.73 -31.94 -23.55
CA TYR B 11 22.01 -30.86 -22.89
C TYR B 11 22.60 -30.57 -21.51
N LYS B 12 22.89 -31.63 -20.74
CA LYS B 12 23.49 -31.45 -19.42
C LYS B 12 24.77 -30.63 -19.49
N ALA B 13 25.75 -31.14 -20.24
CA ALA B 13 27.02 -30.43 -20.41
C ALA B 13 26.81 -29.00 -20.92
N ALA B 14 25.80 -28.79 -21.76
CA ALA B 14 25.50 -27.45 -22.24
C ALA B 14 25.12 -26.52 -21.10
N SER B 15 24.10 -26.90 -20.33
CA SER B 15 23.61 -26.05 -19.25
C SER B 15 24.70 -25.77 -18.22
N GLU B 16 25.51 -26.78 -17.90
CA GLU B 16 26.52 -26.63 -16.86
C GLU B 16 27.79 -25.96 -17.35
N GLY B 17 27.89 -25.69 -18.64
CA GLY B 17 29.08 -25.04 -19.14
C GLY B 17 30.34 -25.86 -19.08
N LYS B 18 30.22 -27.17 -18.84
CA LYS B 18 31.39 -28.04 -18.80
C LYS B 18 31.86 -28.33 -20.22
N VAL B 19 32.41 -27.28 -20.86
CA VAL B 19 32.77 -27.38 -22.27
C VAL B 19 33.86 -28.43 -22.47
N LEU B 20 34.67 -28.65 -21.45
CA LEU B 20 35.58 -29.79 -21.40
C LEU B 20 34.85 -31.06 -21.77
N THR B 21 33.93 -31.49 -20.91
CA THR B 21 33.06 -32.64 -21.19
C THR B 21 32.38 -32.52 -22.55
N LEU B 22 31.85 -31.34 -22.86
CA LEU B 22 31.16 -31.12 -24.13
C LEU B 22 32.05 -31.50 -25.32
N ALA B 23 33.26 -30.97 -25.36
CA ALA B 23 34.20 -31.29 -26.43
C ALA B 23 34.29 -32.79 -26.67
N ALA B 24 34.57 -33.56 -25.61
CA ALA B 24 34.64 -35.01 -25.73
C ALA B 24 33.34 -35.62 -26.24
N LEU B 25 32.21 -34.93 -26.06
CA LEU B 25 30.93 -35.45 -26.51
C LEU B 25 30.79 -35.38 -28.04
N LEU B 26 31.36 -34.35 -28.68
CA LEU B 26 31.09 -34.13 -30.10
C LEU B 26 31.83 -35.11 -31.00
N LEU B 27 33.16 -35.19 -30.89
CA LEU B 27 34.00 -35.90 -31.87
C LEU B 27 33.52 -37.33 -32.13
N ASN B 28 33.84 -37.87 -33.31
CA ASN B 28 33.46 -39.21 -33.74
C ASN B 28 31.96 -39.38 -33.91
N ARG B 29 31.25 -38.27 -34.15
CA ARG B 29 29.82 -38.32 -34.39
C ARG B 29 29.54 -37.91 -35.83
N SER B 30 28.49 -38.50 -36.39
CA SER B 30 28.13 -38.22 -37.76
C SER B 30 27.45 -36.86 -37.88
N GLU B 31 27.58 -36.24 -39.05
CA GLU B 31 26.92 -34.96 -39.30
C GLU B 31 25.43 -35.04 -39.07
N SER B 32 24.77 -36.03 -39.66
CA SER B 32 23.37 -36.32 -39.33
C SER B 32 23.14 -36.34 -37.82
N ASP B 33 23.96 -37.10 -37.10
CA ASP B 33 23.84 -37.17 -35.65
C ASP B 33 23.98 -35.81 -35.00
N ILE B 34 24.96 -35.01 -35.46
CA ILE B 34 25.29 -33.77 -34.75
C ILE B 34 24.16 -32.76 -34.88
N ARG B 35 23.51 -32.69 -36.05
CA ARG B 35 22.36 -31.81 -36.20
C ARG B 35 21.22 -32.22 -35.28
N TYR B 36 21.05 -33.53 -35.06
CA TYR B 36 20.02 -34.08 -34.18
C TYR B 36 20.20 -33.62 -32.75
N LEU B 37 21.32 -33.98 -32.12
CA LEU B 37 21.59 -33.66 -30.73
C LEU B 37 21.25 -32.25 -30.33
N LEU B 38 21.55 -31.33 -31.24
CA LEU B 38 21.41 -29.91 -30.95
C LEU B 38 20.00 -29.40 -31.17
N GLY B 39 19.21 -30.04 -32.02
CA GLY B 39 17.83 -29.62 -32.14
C GLY B 39 16.92 -30.19 -31.09
N TYR B 40 17.41 -31.18 -30.35
CA TYR B 40 16.60 -31.87 -29.35
C TYR B 40 16.16 -30.90 -28.27
N VAL B 41 14.85 -30.74 -28.12
CA VAL B 41 14.27 -29.91 -27.07
C VAL B 41 14.06 -30.74 -25.81
N SER B 42 14.51 -30.20 -24.67
CA SER B 42 14.49 -30.91 -23.39
C SER B 42 13.70 -30.08 -22.38
N GLN B 43 12.79 -30.73 -21.67
CA GLN B 43 11.88 -30.06 -20.76
C GLN B 43 12.25 -30.36 -19.31
N GLN B 44 13.40 -29.84 -18.89
CA GLN B 44 13.82 -29.94 -17.49
C GLN B 44 12.86 -29.12 -16.65
N GLY B 45 11.83 -29.76 -16.11
CA GLY B 45 10.75 -29.07 -15.42
C GLY B 45 9.66 -28.59 -16.39
N GLY B 46 9.60 -27.27 -16.59
CA GLY B 46 8.71 -26.70 -17.58
C GLY B 46 9.47 -26.07 -18.72
N GLN B 47 10.78 -25.91 -18.50
CA GLN B 47 11.64 -25.22 -19.46
C GLN B 47 11.92 -26.19 -20.59
N ARG B 48 11.20 -26.04 -21.70
CA ARG B 48 11.50 -26.80 -22.91
C ARG B 48 12.47 -25.95 -23.72
N SER B 49 13.68 -26.46 -23.92
CA SER B 49 14.73 -25.66 -24.54
C SER B 49 15.71 -26.56 -25.27
N THR B 50 16.56 -25.91 -26.13
CA THR B 50 17.61 -26.61 -26.86
C THR B 50 18.95 -26.35 -26.18
N PRO B 51 19.94 -27.20 -26.42
CA PRO B 51 21.27 -27.01 -25.80
C PRO B 51 21.88 -25.62 -25.95
N LEU B 52 21.93 -25.08 -27.17
CA LEU B 52 22.54 -23.77 -27.37
C LEU B 52 21.88 -22.70 -26.50
N ILE B 53 20.55 -22.71 -26.41
CA ILE B 53 19.85 -21.61 -25.74
C ILE B 53 20.18 -21.60 -24.25
N ILE B 54 19.95 -22.74 -23.57
CA ILE B 54 20.16 -22.81 -22.11
C ILE B 54 21.57 -22.38 -21.76
N ALA B 55 22.52 -22.63 -22.66
CA ALA B 55 23.88 -22.12 -22.45
C ALA B 55 23.87 -20.60 -22.37
N ALA B 56 23.14 -19.95 -23.27
CA ALA B 56 22.99 -18.50 -23.22
C ALA B 56 22.20 -18.06 -22.00
N ARG B 57 21.18 -18.82 -21.62
CA ARG B 57 20.40 -18.52 -20.42
C ARG B 57 21.27 -18.49 -19.17
N ASN B 58 22.28 -19.35 -19.11
CA ASN B 58 23.11 -19.48 -17.93
C ASN B 58 24.45 -18.75 -18.07
N GLY B 59 24.54 -17.79 -18.99
CA GLY B 59 25.73 -16.97 -19.09
C GLY B 59 27.01 -17.73 -19.27
N HIS B 60 26.96 -18.87 -19.95
CA HIS B 60 28.16 -19.67 -20.18
C HIS B 60 28.86 -19.17 -21.44
N ALA B 61 29.54 -18.03 -21.28
CA ALA B 61 30.29 -17.43 -22.38
C ALA B 61 31.24 -18.44 -22.98
N LYS B 62 31.90 -19.22 -22.13
CA LYS B 62 32.81 -20.27 -22.58
C LYS B 62 32.11 -21.25 -23.53
N VAL B 63 31.01 -21.88 -23.08
CA VAL B 63 30.35 -22.88 -23.91
C VAL B 63 29.68 -22.24 -25.12
N VAL B 64 29.12 -21.04 -24.97
CA VAL B 64 28.44 -20.43 -26.11
C VAL B 64 29.45 -20.05 -27.17
N ARG B 65 30.62 -19.57 -26.77
CA ARG B 65 31.70 -19.30 -27.71
C ARG B 65 31.88 -20.49 -28.66
N LEU B 66 32.08 -21.68 -28.07
CA LEU B 66 32.14 -22.90 -28.89
C LEU B 66 30.85 -23.10 -29.66
N LEU B 67 29.71 -22.95 -28.97
CA LEU B 67 28.41 -23.26 -29.58
C LEU B 67 28.21 -22.48 -30.88
N LEU B 68 28.59 -21.22 -30.91
CA LEU B 68 28.44 -20.41 -32.11
C LEU B 68 29.49 -20.75 -33.16
N GLU B 69 30.65 -21.26 -32.75
CA GLU B 69 31.76 -21.51 -33.67
C GLU B 69 31.65 -22.85 -34.39
N HIS B 70 32.09 -23.94 -33.75
CA HIS B 70 32.16 -25.22 -34.45
C HIS B 70 30.79 -25.67 -34.97
N TYR B 71 29.80 -25.78 -34.09
CA TYR B 71 28.54 -26.37 -34.51
C TYR B 71 27.62 -25.37 -35.20
N ARG B 72 27.86 -24.07 -34.99
CA ARG B 72 27.22 -22.94 -35.69
C ARG B 72 25.81 -23.21 -36.19
N VAL B 73 24.82 -23.09 -35.29
CA VAL B 73 23.42 -23.30 -35.62
C VAL B 73 22.72 -21.95 -35.58
N GLN B 74 21.62 -21.87 -36.32
CA GLN B 74 20.90 -20.61 -36.50
C GLN B 74 20.37 -20.05 -35.19
N THR B 75 20.41 -18.72 -35.08
CA THR B 75 19.98 -17.98 -33.91
C THR B 75 18.47 -17.93 -33.77
N GLN B 76 17.71 -18.43 -34.76
CA GLN B 76 16.26 -18.33 -34.62
C GLN B 76 15.67 -19.47 -33.80
N GLN B 77 16.51 -20.37 -33.28
CA GLN B 77 16.05 -21.36 -32.29
C GLN B 77 15.18 -20.67 -31.25
N THR B 78 13.98 -21.20 -31.05
CA THR B 78 13.04 -20.71 -30.06
C THR B 78 12.94 -21.72 -28.93
N GLY B 79 12.36 -21.28 -27.81
CA GLY B 79 12.14 -22.17 -26.68
C GLY B 79 11.19 -21.64 -25.65
N THR B 80 11.36 -22.10 -24.40
CA THR B 80 10.47 -21.78 -23.29
C THR B 80 11.37 -21.72 -22.07
N VAL B 81 11.62 -20.53 -21.55
CA VAL B 81 12.70 -20.33 -20.59
C VAL B 81 12.17 -19.78 -19.28
N ARG B 82 12.71 -20.26 -18.17
CA ARG B 82 12.36 -19.78 -16.85
C ARG B 82 13.14 -18.52 -16.49
N PHE B 83 12.43 -17.56 -15.89
CA PHE B 83 13.04 -16.39 -15.29
C PHE B 83 12.33 -16.14 -13.96
N ASP B 84 13.08 -16.26 -12.86
CA ASP B 84 12.58 -16.15 -11.49
C ASP B 84 11.39 -17.09 -11.26
N GLY B 85 10.17 -16.72 -11.65
CA GLY B 85 9.03 -17.59 -11.42
C GLY B 85 8.26 -17.81 -12.69
N TYR B 86 8.19 -16.76 -13.50
CA TYR B 86 7.50 -16.83 -14.78
C TYR B 86 8.40 -17.53 -15.80
N VAL B 87 7.81 -18.43 -16.60
CA VAL B 87 8.54 -19.16 -17.63
C VAL B 87 8.18 -18.51 -18.97
N ILE B 88 9.14 -17.86 -19.60
CA ILE B 88 8.88 -17.13 -20.83
C ILE B 88 8.99 -18.09 -22.01
N ASP B 89 8.19 -17.83 -23.04
CA ASP B 89 8.06 -18.72 -24.19
C ASP B 89 8.32 -17.95 -25.46
N GLY B 90 8.82 -18.66 -26.47
CA GLY B 90 9.15 -18.05 -27.73
C GLY B 90 10.40 -17.22 -27.67
N ALA B 91 11.32 -17.55 -26.78
CA ALA B 91 12.50 -16.75 -26.54
C ALA B 91 13.71 -17.37 -27.24
N THR B 92 14.54 -16.53 -27.84
CA THR B 92 15.76 -17.00 -28.46
C THR B 92 16.92 -16.85 -27.49
N ALA B 93 18.02 -17.55 -27.81
CA ALA B 93 19.22 -17.44 -26.99
C ALA B 93 19.68 -15.99 -26.87
N LEU B 94 19.52 -15.20 -27.94
CA LEU B 94 19.88 -13.79 -27.85
C LEU B 94 18.92 -13.06 -26.92
N TRP B 95 17.64 -13.43 -26.93
CA TRP B 95 16.70 -12.85 -25.99
C TRP B 95 16.97 -13.32 -24.57
N CYS B 96 17.40 -14.58 -24.41
CA CYS B 96 17.69 -15.10 -23.07
C CYS B 96 18.93 -14.45 -22.49
N ALA B 97 20.02 -14.43 -23.26
CA ALA B 97 21.23 -13.78 -22.78
C ALA B 97 20.98 -12.31 -22.47
N ALA B 98 20.07 -11.68 -23.20
CA ALA B 98 19.72 -10.29 -22.96
C ALA B 98 19.05 -10.11 -21.59
N GLY B 99 17.98 -10.86 -21.35
CA GLY B 99 17.23 -10.70 -20.12
C GLY B 99 18.01 -11.13 -18.88
N ALA B 100 18.85 -12.15 -19.03
CA ALA B 100 19.60 -12.66 -17.90
C ALA B 100 20.79 -11.78 -17.54
N GLY B 101 21.04 -10.71 -18.30
CA GLY B 101 22.13 -9.81 -17.99
C GLY B 101 23.50 -10.32 -18.36
N HIS B 102 23.59 -11.36 -19.19
CA HIS B 102 24.89 -11.93 -19.54
C HIS B 102 25.42 -11.16 -20.74
N PHE B 103 26.01 -9.99 -20.46
CA PHE B 103 26.52 -9.12 -21.50
C PHE B 103 27.50 -9.86 -22.41
N GLU B 104 28.50 -10.51 -21.82
CA GLU B 104 29.49 -11.23 -22.61
C GLU B 104 28.82 -12.16 -23.63
N VAL B 105 27.78 -12.88 -23.21
CA VAL B 105 27.05 -13.73 -24.15
C VAL B 105 26.31 -12.88 -25.17
N VAL B 106 25.68 -11.78 -24.72
CA VAL B 106 24.91 -10.92 -25.62
C VAL B 106 25.77 -10.42 -26.77
N LYS B 107 26.90 -9.80 -26.44
CA LYS B 107 27.84 -9.36 -27.47
C LYS B 107 28.21 -10.51 -28.38
N LEU B 108 28.70 -11.61 -27.80
CA LEU B 108 29.01 -12.82 -28.56
C LEU B 108 27.87 -13.22 -29.50
N LEU B 109 26.64 -13.27 -28.99
CA LEU B 109 25.54 -13.80 -29.77
C LEU B 109 25.19 -12.93 -30.96
N VAL B 110 25.16 -11.61 -30.80
CA VAL B 110 24.91 -10.75 -31.95
C VAL B 110 26.11 -10.74 -32.89
N SER B 111 27.32 -10.73 -32.32
CA SER B 111 28.55 -10.76 -33.10
C SER B 111 28.50 -11.86 -34.16
N HIS B 112 27.98 -13.03 -33.78
CA HIS B 112 27.81 -14.15 -34.71
C HIS B 112 26.46 -14.11 -35.41
N GLY B 113 25.85 -12.93 -35.55
CA GLY B 113 24.70 -12.76 -36.41
C GLY B 113 23.36 -13.21 -35.86
N ALA B 114 22.93 -12.64 -34.73
CA ALA B 114 21.65 -12.99 -34.14
C ALA B 114 20.60 -11.96 -34.54
N ASN B 115 19.36 -12.44 -34.73
CA ASN B 115 18.27 -11.53 -35.07
C ASN B 115 18.12 -10.57 -33.90
N VAL B 116 18.55 -9.33 -34.08
CA VAL B 116 18.58 -8.40 -32.96
C VAL B 116 17.19 -7.97 -32.54
N ASN B 117 16.18 -8.13 -33.39
CA ASN B 117 14.81 -7.80 -33.04
C ASN B 117 13.88 -9.01 -32.99
N HIS B 118 14.42 -10.23 -32.93
CA HIS B 118 13.55 -11.39 -32.78
C HIS B 118 12.81 -11.25 -31.44
N THR B 119 11.50 -11.45 -31.48
CA THR B 119 10.62 -11.20 -30.34
C THR B 119 10.09 -12.47 -29.72
N THR B 120 9.85 -12.42 -28.41
CA THR B 120 9.20 -13.50 -27.68
C THR B 120 7.73 -13.62 -28.11
N VAL B 121 7.02 -14.50 -27.41
CA VAL B 121 5.59 -14.71 -27.68
C VAL B 121 4.81 -13.41 -27.43
N THR B 122 5.12 -12.71 -26.35
CA THR B 122 4.54 -11.40 -26.05
C THR B 122 5.06 -10.28 -26.95
N ASN B 123 6.02 -10.54 -27.84
CA ASN B 123 6.63 -9.53 -28.71
C ASN B 123 7.62 -8.67 -27.92
N SER B 124 8.34 -9.29 -26.99
CA SER B 124 9.34 -8.59 -26.21
C SER B 124 10.66 -8.67 -26.97
N THR B 125 11.15 -7.52 -27.40
CA THR B 125 12.47 -7.49 -27.99
C THR B 125 13.51 -7.77 -26.92
N PRO B 126 14.66 -8.31 -27.31
CA PRO B 126 15.78 -8.41 -26.36
C PRO B 126 16.10 -7.06 -25.76
N LEU B 127 15.83 -5.98 -26.50
CA LEU B 127 15.94 -4.64 -25.95
C LEU B 127 14.96 -4.44 -24.79
N ARG B 128 13.72 -4.95 -24.94
CA ARG B 128 12.77 -4.89 -23.84
C ARG B 128 13.31 -5.58 -22.59
N ALA B 129 13.72 -6.86 -22.71
CA ALA B 129 14.28 -7.57 -21.58
C ALA B 129 15.41 -6.79 -20.95
N ALA B 130 16.30 -6.26 -21.77
CA ALA B 130 17.39 -5.42 -21.28
C ALA B 130 16.86 -4.17 -20.59
N CYS B 131 15.79 -3.57 -21.13
CA CYS B 131 15.24 -2.36 -20.54
C CYS B 131 14.47 -2.67 -19.25
N PHE B 132 13.62 -3.69 -19.28
CA PHE B 132 12.87 -4.09 -18.08
C PHE B 132 13.81 -4.34 -16.91
N ASP B 133 14.84 -5.17 -17.10
CA ASP B 133 15.76 -5.42 -16.01
C ASP B 133 16.62 -4.20 -15.72
N GLY B 134 16.87 -3.38 -16.73
CA GLY B 134 17.55 -2.12 -16.54
C GLY B 134 19.06 -2.16 -16.69
N ARG B 135 19.59 -3.11 -17.45
CA ARG B 135 21.02 -3.16 -17.71
C ARG B 135 21.34 -2.27 -18.91
N LEU B 136 21.70 -1.01 -18.64
CA LEU B 136 21.96 -0.07 -19.72
C LEU B 136 23.09 -0.55 -20.62
N ASP B 137 24.15 -1.10 -20.02
CA ASP B 137 25.27 -1.68 -20.76
C ASP B 137 24.77 -2.46 -21.96
N ILE B 138 23.84 -3.39 -21.71
CA ILE B 138 23.24 -4.17 -22.78
C ILE B 138 22.39 -3.27 -23.67
N VAL B 139 21.53 -2.45 -23.07
CA VAL B 139 20.66 -1.55 -23.83
C VAL B 139 21.48 -0.64 -24.74
N LYS B 140 22.44 0.09 -24.15
CA LYS B 140 23.38 0.90 -24.91
C LYS B 140 23.91 0.13 -26.11
N TYR B 141 24.45 -1.06 -25.86
CA TYR B 141 24.98 -1.89 -26.93
C TYR B 141 23.90 -2.25 -27.96
N LEU B 142 22.76 -2.74 -27.47
CA LEU B 142 21.73 -3.29 -28.38
C LEU B 142 21.28 -2.28 -29.43
N VAL B 143 21.00 -1.03 -29.03
CA VAL B 143 20.58 -0.04 -30.00
C VAL B 143 21.73 0.25 -30.98
N GLU B 144 22.96 0.28 -30.46
CA GLU B 144 24.14 0.51 -31.29
C GLU B 144 24.32 -0.56 -32.37
N ASN B 145 23.64 -1.69 -32.24
CA ASN B 145 23.57 -2.67 -33.33
C ASN B 145 22.20 -2.64 -34.00
N ASN B 146 21.58 -1.45 -33.98
CA ASN B 146 20.41 -1.13 -34.79
C ASN B 146 19.22 -2.01 -34.46
N ALA B 147 19.17 -2.48 -33.22
CA ALA B 147 17.94 -3.06 -32.70
C ALA B 147 16.91 -1.96 -32.56
N ASN B 148 15.74 -2.16 -33.17
CA ASN B 148 14.75 -1.11 -33.20
C ASN B 148 14.19 -0.87 -31.82
N ILE B 149 14.41 0.35 -31.31
CA ILE B 149 13.92 0.73 -29.99
C ILE B 149 12.43 1.00 -30.00
N SER B 150 11.80 1.01 -31.17
CA SER B 150 10.38 1.33 -31.28
C SER B 150 9.47 0.10 -31.21
N ILE B 151 10.00 -1.12 -31.34
CA ILE B 151 9.17 -2.31 -31.21
C ILE B 151 8.70 -2.44 -29.77
N ALA B 152 7.42 -2.75 -29.59
CA ALA B 152 6.80 -2.89 -28.27
C ALA B 152 6.15 -4.26 -28.16
N ASN B 153 5.59 -4.54 -26.98
CA ASN B 153 4.91 -5.79 -26.70
C ASN B 153 3.47 -5.77 -27.26
N LYS B 154 2.76 -6.88 -27.03
CA LYS B 154 1.36 -7.03 -27.47
C LYS B 154 0.42 -5.94 -26.99
N TYR B 155 0.77 -5.21 -25.93
CA TYR B 155 -0.08 -4.15 -25.41
C TYR B 155 0.49 -2.76 -25.64
N ASP B 156 1.46 -2.64 -26.56
CA ASP B 156 2.07 -1.37 -26.92
C ASP B 156 2.75 -0.74 -25.72
N ASN B 157 3.48 -1.57 -24.99
CA ASN B 157 4.27 -1.10 -23.86
C ASN B 157 5.69 -0.91 -24.37
N THR B 158 6.07 0.35 -24.60
CA THR B 158 7.35 0.65 -25.21
C THR B 158 8.50 0.35 -24.26
N CYS B 159 9.65 0.02 -24.87
CA CYS B 159 10.91 -0.05 -24.14
C CYS B 159 11.12 1.18 -23.25
N LEU B 160 10.68 2.35 -23.72
CA LEU B 160 10.84 3.57 -22.94
C LEU B 160 9.92 3.55 -21.72
N MET B 161 8.68 3.06 -21.90
CA MET B 161 7.73 2.97 -20.80
C MET B 161 8.28 2.09 -19.66
N ILE B 162 8.72 0.89 -20.01
CA ILE B 162 9.13 -0.07 -18.98
C ILE B 162 10.22 0.52 -18.09
N ALA B 163 11.11 1.32 -18.68
CA ALA B 163 12.15 1.99 -17.89
C ALA B 163 11.55 3.08 -17.01
N ALA B 164 10.57 3.82 -17.53
CA ALA B 164 9.89 4.81 -16.71
C ALA B 164 9.13 4.16 -15.57
N TYR B 165 8.71 2.90 -15.74
CA TYR B 165 8.01 2.18 -14.68
C TYR B 165 9.00 1.59 -13.70
N LYS B 166 9.87 0.70 -14.18
CA LYS B 166 10.98 0.18 -13.40
C LYS B 166 12.04 1.24 -13.14
N GLY B 167 11.63 2.40 -12.66
CA GLY B 167 12.50 3.53 -12.33
C GLY B 167 13.95 3.51 -12.76
N HIS B 168 14.24 3.13 -14.01
CA HIS B 168 15.61 3.06 -14.50
C HIS B 168 16.00 4.38 -15.17
N THR B 169 15.98 5.44 -14.35
CA THR B 169 16.25 6.81 -14.77
C THR B 169 17.30 6.89 -15.88
N ASP B 170 18.41 6.17 -15.72
CA ASP B 170 19.53 6.31 -16.65
C ASP B 170 19.20 5.75 -18.03
N VAL B 171 18.49 4.62 -18.09
CA VAL B 171 18.03 4.12 -19.38
C VAL B 171 17.06 5.12 -20.02
N VAL B 172 16.22 5.78 -19.22
CA VAL B 172 15.25 6.73 -19.76
C VAL B 172 15.99 7.87 -20.47
N ARG B 173 16.90 8.52 -19.75
CA ARG B 173 17.71 9.57 -20.36
C ARG B 173 18.35 9.09 -21.66
N TYR B 174 18.82 7.84 -21.69
CA TYR B 174 19.41 7.28 -22.90
C TYR B 174 18.40 7.18 -24.04
N LEU B 175 17.43 6.28 -23.89
CA LEU B 175 16.43 6.06 -24.93
C LEU B 175 15.79 7.36 -25.42
N LEU B 176 15.57 8.31 -24.51
CA LEU B 176 15.02 9.58 -24.96
C LEU B 176 15.96 10.25 -25.96
N GLU B 177 17.26 10.30 -25.62
CA GLU B 177 18.28 10.80 -26.55
C GLU B 177 18.20 10.12 -27.92
N GLN B 178 17.93 8.82 -27.93
CA GLN B 178 17.76 8.12 -29.19
C GLN B 178 16.38 8.35 -29.80
N ARG B 179 15.68 9.41 -29.38
CA ARG B 179 14.43 9.86 -29.97
C ARG B 179 13.34 8.79 -29.85
N ALA B 180 13.35 8.06 -28.74
CA ALA B 180 12.24 7.18 -28.44
C ALA B 180 11.00 8.02 -28.19
N ASP B 181 9.88 7.63 -28.81
CA ASP B 181 8.68 8.45 -28.74
C ASP B 181 8.16 8.46 -27.32
N PRO B 182 8.16 9.60 -26.63
CA PRO B 182 7.64 9.62 -25.26
C PRO B 182 6.13 9.51 -25.21
N ASN B 183 5.44 9.90 -26.28
CA ASN B 183 3.99 9.99 -26.31
C ASN B 183 3.34 8.78 -26.95
N ALA B 184 4.09 7.73 -27.23
CA ALA B 184 3.51 6.44 -27.55
C ALA B 184 2.54 6.02 -26.44
N LYS B 185 1.45 5.36 -26.83
CA LYS B 185 0.39 5.00 -25.90
C LYS B 185 0.22 3.49 -25.87
N ALA B 186 0.00 2.94 -24.68
CA ALA B 186 -0.27 1.52 -24.52
C ALA B 186 -1.77 1.25 -24.71
N HIS B 187 -2.11 -0.03 -24.79
CA HIS B 187 -3.52 -0.43 -24.86
C HIS B 187 -4.33 0.19 -23.74
N CYS B 188 -3.88 0.02 -22.50
CA CYS B 188 -4.53 0.63 -21.35
C CYS B 188 -4.56 2.15 -21.43
N GLY B 189 -3.89 2.74 -22.40
CA GLY B 189 -3.96 4.16 -22.66
C GLY B 189 -2.88 5.00 -22.04
N ALA B 190 -1.93 4.40 -21.34
CA ALA B 190 -0.97 5.18 -20.57
C ALA B 190 0.21 5.55 -21.45
N THR B 191 0.85 6.67 -21.11
CA THR B 191 2.13 7.04 -21.67
C THR B 191 3.18 6.90 -20.57
N ALA B 192 4.44 6.77 -20.99
CA ALA B 192 5.54 6.60 -20.03
C ALA B 192 5.56 7.67 -18.94
N LEU B 193 4.98 8.85 -19.18
CA LEU B 193 4.83 9.83 -18.12
C LEU B 193 3.96 9.27 -16.99
N HIS B 194 2.79 8.72 -17.35
CA HIS B 194 1.90 8.12 -16.38
C HIS B 194 2.61 7.10 -15.50
N PHE B 195 3.25 6.11 -16.13
CA PHE B 195 3.96 5.06 -15.40
C PHE B 195 4.97 5.67 -14.42
N ALA B 196 5.80 6.59 -14.91
CA ALA B 196 6.80 7.22 -14.07
C ALA B 196 6.14 8.04 -12.97
N ALA B 197 5.04 8.72 -13.30
CA ALA B 197 4.33 9.51 -12.30
C ALA B 197 3.76 8.61 -11.21
N GLU B 198 3.07 7.53 -11.59
CA GLU B 198 2.50 6.62 -10.61
C GLU B 198 3.59 6.01 -9.73
N ALA B 199 4.71 5.64 -10.33
CA ALA B 199 5.79 5.01 -9.59
C ALA B 199 6.66 6.02 -8.86
N GLY B 200 6.32 7.32 -8.92
CA GLY B 200 7.01 8.33 -8.14
C GLY B 200 8.46 8.54 -8.47
N HIS B 201 8.85 8.28 -9.71
CA HIS B 201 10.24 8.45 -10.12
C HIS B 201 10.38 9.89 -10.61
N ILE B 202 10.58 10.80 -9.65
CA ILE B 202 10.72 12.22 -9.94
C ILE B 202 11.76 12.41 -11.04
N ASP B 203 12.90 11.71 -10.91
CA ASP B 203 14.01 11.82 -11.84
C ASP B 203 13.57 11.56 -13.28
N ILE B 204 12.81 10.48 -13.49
CA ILE B 204 12.37 10.14 -14.83
C ILE B 204 11.35 11.17 -15.32
N VAL B 205 10.49 11.66 -14.43
CA VAL B 205 9.50 12.65 -14.84
C VAL B 205 10.19 13.93 -15.30
N LYS B 206 11.32 14.29 -14.69
CA LYS B 206 12.10 15.43 -15.17
C LYS B 206 12.57 15.22 -16.60
N GLU B 207 13.36 14.16 -16.83
CA GLU B 207 13.85 13.86 -18.16
C GLU B 207 12.70 13.81 -19.16
N LEU B 208 11.57 13.24 -18.76
CA LEU B 208 10.41 13.20 -19.65
C LEU B 208 9.93 14.60 -20.00
N ILE B 209 9.81 15.49 -19.00
CA ILE B 209 9.32 16.84 -19.24
C ILE B 209 10.31 17.64 -20.09
N LYS B 210 11.62 17.43 -19.88
CA LYS B 210 12.62 18.09 -20.71
C LYS B 210 12.43 17.79 -22.19
N TRP B 211 11.69 16.74 -22.50
CA TRP B 211 11.39 16.34 -23.86
C TRP B 211 9.93 16.62 -24.19
N ARG B 212 9.48 16.12 -25.34
CA ARG B 212 8.09 16.27 -25.79
C ARG B 212 7.05 15.57 -24.93
N ALA B 213 6.92 15.95 -23.66
CA ALA B 213 5.98 15.28 -22.76
C ALA B 213 4.57 15.81 -23.00
N ALA B 214 3.74 15.01 -23.67
CA ALA B 214 2.33 15.32 -23.86
C ALA B 214 1.52 15.00 -22.61
N ILE B 215 0.57 15.87 -22.29
CA ILE B 215 -0.37 15.61 -21.18
C ILE B 215 -1.56 14.87 -21.78
N VAL B 216 -1.42 13.54 -21.83
CA VAL B 216 -2.47 12.66 -22.34
C VAL B 216 -3.29 12.14 -21.17
N VAL B 217 -4.48 11.60 -21.46
CA VAL B 217 -5.46 11.29 -20.42
C VAL B 217 -5.54 9.81 -20.03
N ASN B 218 -5.15 8.91 -20.93
CA ASN B 218 -5.16 7.45 -20.77
C ASN B 218 -6.58 6.85 -20.70
N GLY B 219 -6.63 5.53 -20.56
CA GLY B 219 -7.91 4.83 -20.58
C GLY B 219 -8.87 5.20 -19.47
N HIS B 220 -8.34 5.60 -18.31
CA HIS B 220 -9.20 6.10 -17.25
C HIS B 220 -9.53 7.57 -17.38
N GLY B 221 -8.90 8.30 -18.31
CA GLY B 221 -9.06 9.73 -18.32
C GLY B 221 -8.37 10.38 -17.14
N MET B 222 -7.07 10.11 -16.99
CA MET B 222 -6.26 10.65 -15.90
C MET B 222 -4.97 11.19 -16.46
N THR B 223 -4.75 12.49 -16.33
CA THR B 223 -3.44 13.04 -16.67
C THR B 223 -2.38 12.40 -15.78
N PRO B 224 -1.12 12.37 -16.23
CA PRO B 224 -0.04 11.90 -15.34
C PRO B 224 -0.03 12.60 -14.00
N LEU B 225 -0.49 13.84 -13.97
CA LEU B 225 -0.70 14.54 -12.72
C LEU B 225 -1.69 13.81 -11.82
N LYS B 226 -2.89 13.53 -12.35
CA LYS B 226 -3.94 12.89 -11.56
C LYS B 226 -3.54 11.52 -11.03
N VAL B 227 -2.93 10.68 -11.88
CA VAL B 227 -2.52 9.35 -11.44
C VAL B 227 -1.55 9.45 -10.27
N ALA B 228 -0.53 10.31 -10.40
CA ALA B 228 0.47 10.46 -9.36
C ALA B 228 -0.11 11.02 -8.07
N ALA B 229 -1.27 11.69 -8.16
CA ALA B 229 -1.95 12.13 -6.96
C ALA B 229 -2.70 10.98 -6.32
N GLU B 230 -3.25 10.06 -7.11
CA GLU B 230 -3.80 8.86 -6.51
C GLU B 230 -2.69 7.95 -5.99
N SER B 231 -1.62 7.81 -6.77
CA SER B 231 -0.46 7.06 -6.30
C SER B 231 0.25 7.73 -5.12
N CYS B 232 -0.29 8.84 -4.63
CA CYS B 232 0.22 9.51 -3.43
C CYS B 232 1.70 9.84 -3.56
N LYS B 233 2.05 10.51 -4.66
CA LYS B 233 3.44 10.80 -4.95
C LYS B 233 3.69 12.30 -4.74
N ALA B 234 3.53 12.76 -3.49
CA ALA B 234 3.49 14.18 -3.18
C ALA B 234 4.57 14.97 -3.92
N ASP B 235 5.81 14.50 -3.87
CA ASP B 235 6.90 15.12 -4.62
C ASP B 235 6.55 15.30 -6.11
N VAL B 236 6.28 14.21 -6.82
CA VAL B 236 5.92 14.31 -8.24
C VAL B 236 4.80 15.30 -8.47
N VAL B 237 3.68 15.13 -7.75
CA VAL B 237 2.53 15.98 -8.04
C VAL B 237 2.86 17.43 -7.75
N GLU B 238 3.77 17.67 -6.81
CA GLU B 238 4.18 19.04 -6.51
C GLU B 238 4.85 19.68 -7.71
N LEU B 239 5.69 18.93 -8.43
CA LEU B 239 6.29 19.39 -9.69
C LEU B 239 5.26 19.76 -10.73
N LEU B 240 4.53 18.76 -11.23
CA LEU B 240 3.66 18.92 -12.39
C LEU B 240 2.76 20.15 -12.29
N LEU B 241 2.46 20.60 -11.07
CA LEU B 241 1.57 21.74 -10.85
C LEU B 241 2.19 23.05 -11.28
N SER B 242 3.47 23.05 -11.67
CA SER B 242 4.21 24.23 -12.13
C SER B 242 4.17 24.41 -13.65
N HIS B 243 3.07 24.06 -14.32
CA HIS B 243 3.02 24.21 -15.78
C HIS B 243 1.67 24.76 -16.25
N ALA B 244 1.30 24.42 -17.48
CA ALA B 244 0.07 24.94 -18.09
C ALA B 244 -1.07 23.99 -17.78
N ASP B 245 -1.79 24.29 -16.70
CA ASP B 245 -2.91 23.49 -16.24
C ASP B 245 -4.10 24.41 -16.03
N CYS B 246 -5.25 23.82 -15.78
CA CYS B 246 -6.43 24.59 -15.42
C CYS B 246 -6.32 24.88 -13.92
N ASP B 247 -5.79 26.06 -13.59
CA ASP B 247 -5.65 26.47 -12.20
C ASP B 247 -6.95 26.34 -11.42
N ARG B 248 -8.09 26.33 -12.11
CA ARG B 248 -9.35 26.05 -11.45
C ARG B 248 -9.51 24.55 -11.28
N ARG B 249 -10.40 23.93 -12.06
CA ARG B 249 -10.68 22.50 -11.94
C ARG B 249 -9.45 21.61 -11.86
N SER B 250 -8.53 21.72 -12.82
CA SER B 250 -7.38 20.82 -12.87
C SER B 250 -6.51 20.96 -11.63
N ARG B 251 -6.18 22.19 -11.24
CA ARG B 251 -5.26 22.39 -10.12
C ARG B 251 -5.89 21.98 -8.80
N ILE B 252 -7.18 22.27 -8.59
CA ILE B 252 -7.80 21.95 -7.32
C ILE B 252 -8.05 20.44 -7.21
N GLU B 253 -8.63 19.84 -8.26
CA GLU B 253 -8.96 18.42 -8.23
C GLU B 253 -7.78 17.57 -7.77
N ALA B 254 -6.60 17.84 -8.33
CA ALA B 254 -5.39 17.14 -7.91
C ALA B 254 -5.16 17.30 -6.41
N LEU B 255 -5.24 18.53 -5.90
CA LEU B 255 -5.05 18.79 -4.48
C LEU B 255 -6.03 17.97 -3.64
N GLU B 256 -7.33 18.10 -3.95
CA GLU B 256 -8.36 17.34 -3.24
C GLU B 256 -8.08 15.85 -3.33
N LEU B 257 -7.88 15.34 -4.54
CA LEU B 257 -7.49 13.95 -4.76
C LEU B 257 -6.33 13.53 -3.85
N LEU B 258 -5.18 14.19 -4.02
CA LEU B 258 -3.97 13.84 -3.30
C LEU B 258 -4.17 13.74 -1.78
N GLY B 259 -4.79 14.75 -1.17
CA GLY B 259 -5.09 14.67 0.26
C GLY B 259 -5.77 13.37 0.66
N ALA B 260 -6.69 12.88 -0.16
CA ALA B 260 -7.40 11.63 0.11
C ALA B 260 -6.44 10.45 0.27
N SER B 261 -5.55 10.24 -0.70
CA SER B 261 -4.65 9.10 -0.72
C SER B 261 -3.73 9.06 0.50
N PHE B 262 -3.76 10.12 1.30
CA PHE B 262 -3.06 10.10 2.58
C PHE B 262 -3.95 9.54 3.68
N ALA B 263 -5.24 9.42 3.40
CA ALA B 263 -6.22 8.74 4.25
C ALA B 263 -6.60 7.37 3.74
N ASN B 264 -6.43 7.10 2.44
CA ASN B 264 -6.76 5.79 1.88
C ASN B 264 -5.59 4.82 1.93
N ASP B 265 -4.36 5.33 1.81
CA ASP B 265 -3.19 4.47 1.67
C ASP B 265 -3.08 3.48 2.83
N ARG B 266 -2.52 2.32 2.51
CA ARG B 266 -2.31 1.29 3.52
C ARG B 266 -1.01 1.52 4.28
N GLU B 267 0.09 1.78 3.57
CA GLU B 267 1.37 2.00 4.25
C GLU B 267 1.64 3.48 4.48
N ASN B 268 2.25 4.19 3.51
CA ASN B 268 2.50 5.61 3.68
C ASN B 268 1.16 6.33 3.67
N TYR B 269 0.73 6.72 4.85
CA TYR B 269 -0.63 7.19 5.07
C TYR B 269 -0.65 8.13 6.28
N ASP B 270 -1.09 9.36 6.07
CA ASP B 270 -0.97 10.45 7.05
C ASP B 270 -2.23 11.30 7.01
N ILE B 271 -3.09 11.13 8.02
CA ILE B 271 -4.30 11.93 8.13
C ILE B 271 -3.94 13.40 8.31
N ILE B 272 -2.70 13.68 8.74
CA ILE B 272 -2.24 15.06 8.86
C ILE B 272 -2.04 15.68 7.48
N LYS B 273 -1.32 15.00 6.59
CA LYS B 273 -1.18 15.52 5.22
C LYS B 273 -2.48 15.49 4.44
N THR B 274 -3.54 14.87 4.98
CA THR B 274 -4.87 14.97 4.37
C THR B 274 -5.46 16.37 4.51
N TYR B 275 -5.54 16.88 5.75
CA TYR B 275 -6.03 18.23 5.97
C TYR B 275 -5.15 19.26 5.30
N HIS B 276 -3.84 19.00 5.24
CA HIS B 276 -2.92 19.94 4.61
C HIS B 276 -3.29 20.19 3.15
N TYR B 277 -3.53 19.12 2.40
CA TYR B 277 -3.91 19.24 0.98
C TYR B 277 -5.40 19.50 0.75
N LEU B 278 -6.28 19.11 1.67
CA LEU B 278 -7.69 19.45 1.44
C LEU B 278 -7.98 20.89 1.80
N TYR B 279 -7.33 21.41 2.86
CA TYR B 279 -7.50 22.82 3.17
C TYR B 279 -6.89 23.71 2.09
N LEU B 280 -5.79 23.30 1.48
CA LEU B 280 -5.28 24.07 0.35
C LEU B 280 -6.33 24.18 -0.75
N ALA B 281 -7.05 23.10 -1.02
CA ALA B 281 -8.08 23.14 -2.06
C ALA B 281 -9.23 24.07 -1.68
N MET B 282 -9.71 24.02 -0.43
CA MET B 282 -10.82 24.88 -0.01
C MET B 282 -10.50 26.35 -0.22
N LEU B 283 -9.23 26.75 -0.03
CA LEU B 283 -8.87 28.13 -0.24
C LEU B 283 -8.63 28.40 -1.71
N GLU B 284 -8.45 27.33 -2.49
CA GLU B 284 -8.28 27.47 -3.93
C GLU B 284 -9.64 27.51 -4.60
N ARG B 285 -10.55 26.66 -4.15
CA ARG B 285 -11.95 26.77 -4.55
C ARG B 285 -12.58 28.09 -4.09
N PHE B 286 -11.95 28.79 -3.15
CA PHE B 286 -12.39 30.09 -2.68
C PHE B 286 -11.39 31.19 -3.03
N GLN B 287 -10.76 31.06 -4.20
CA GLN B 287 -9.70 31.96 -4.61
C GLN B 287 -10.17 33.40 -4.77
N ASP B 288 -11.37 33.62 -5.30
CA ASP B 288 -11.84 34.96 -5.63
C ASP B 288 -13.17 35.24 -4.94
N GLY B 289 -13.28 36.42 -4.35
CA GLY B 289 -14.46 36.85 -3.64
C GLY B 289 -14.33 38.30 -3.20
N ILE B 292 -15.32 35.61 -7.44
CA ILE B 292 -16.26 34.50 -7.41
C ILE B 292 -15.61 33.21 -7.89
N LEU B 293 -15.83 32.13 -7.14
CA LEU B 293 -15.25 30.83 -7.43
C LEU B 293 -16.28 29.75 -7.04
N GLU B 294 -16.02 28.51 -7.45
CA GLU B 294 -17.03 27.44 -7.48
C GLU B 294 -16.74 26.35 -6.44
N LYS B 295 -17.63 25.34 -6.39
CA LYS B 295 -17.63 24.30 -5.37
C LYS B 295 -18.70 23.24 -5.66
N GLU B 296 -18.37 21.96 -5.40
CA GLU B 296 -19.13 20.76 -5.75
C GLU B 296 -20.05 20.28 -4.61
N VAL B 297 -20.80 19.20 -4.89
CA VAL B 297 -21.81 18.61 -3.99
C VAL B 297 -21.57 17.11 -3.83
N LEU B 298 -22.25 16.50 -2.80
CA LEU B 298 -22.16 15.06 -2.48
C LEU B 298 -23.23 14.56 -1.50
N PRO B 299 -23.65 13.30 -1.59
CA PRO B 299 -24.66 12.74 -0.65
C PRO B 299 -24.09 11.69 0.29
N PRO B 300 -24.60 11.61 1.53
CA PRO B 300 -24.04 10.71 2.54
C PRO B 300 -24.53 9.27 2.45
N ILE B 301 -23.67 8.33 2.90
CA ILE B 301 -23.96 6.89 2.82
C ILE B 301 -23.54 6.22 4.14
N HIS B 302 -23.98 4.96 4.32
CA HIS B 302 -23.61 4.17 5.50
C HIS B 302 -22.16 3.70 5.49
N ALA B 303 -21.65 3.29 4.32
CA ALA B 303 -20.25 2.88 4.23
C ALA B 303 -19.33 3.90 4.89
N TYR B 304 -19.71 5.17 4.83
CA TYR B 304 -18.97 6.27 5.44
C TYR B 304 -19.70 6.82 6.67
N GLY B 305 -20.41 5.95 7.38
CA GLY B 305 -21.04 6.32 8.64
C GLY B 305 -22.17 7.32 8.54
N ASN B 306 -22.93 7.30 7.45
CA ASN B 306 -24.03 8.24 7.21
C ASN B 306 -23.57 9.68 7.46
N ARG B 307 -22.46 10.04 6.80
CA ARG B 307 -21.83 11.35 6.98
C ARG B 307 -21.74 12.09 5.66
N THR B 308 -21.71 13.42 5.73
CA THR B 308 -21.67 14.28 4.55
C THR B 308 -20.39 15.11 4.53
N GLU B 309 -19.82 15.25 3.33
CA GLU B 309 -18.58 15.98 3.15
C GLU B 309 -18.74 17.47 3.53
N CYS B 310 -17.60 18.13 3.73
CA CYS B 310 -17.53 19.55 4.01
C CYS B 310 -17.66 20.39 2.73
N ARG B 311 -18.18 21.60 2.88
CA ARG B 311 -18.32 22.53 1.75
C ARG B 311 -17.59 23.85 1.99
N ASN B 312 -17.94 24.58 3.04
CA ASN B 312 -17.23 25.80 3.37
C ASN B 312 -15.84 25.48 3.92
N PRO B 313 -14.86 26.35 3.71
CA PRO B 313 -13.58 26.18 4.42
C PRO B 313 -13.73 26.14 5.93
N GLN B 314 -14.74 26.82 6.48
CA GLN B 314 -14.98 26.74 7.92
C GLN B 314 -15.43 25.35 8.33
N GLU B 315 -16.21 24.68 7.48
CA GLU B 315 -16.61 23.31 7.77
C GLU B 315 -15.41 22.38 7.93
N LEU B 316 -14.40 22.53 7.07
CA LEU B 316 -13.25 21.64 7.10
C LEU B 316 -12.40 21.87 8.34
N GLU B 317 -12.04 23.13 8.61
CA GLU B 317 -11.28 23.54 9.79
C GLU B 317 -11.76 22.86 11.07
N SER B 318 -13.08 22.71 11.20
CA SER B 318 -13.65 22.11 12.40
C SER B 318 -13.23 20.65 12.60
N ILE B 319 -12.62 20.03 11.59
CA ILE B 319 -12.14 18.67 11.71
C ILE B 319 -10.61 18.61 11.79
N ARG B 320 -9.95 19.78 11.79
CA ARG B 320 -8.49 19.83 11.86
C ARG B 320 -7.93 19.01 13.02
N GLN B 321 -8.70 18.87 14.09
CA GLN B 321 -8.27 18.15 15.29
C GLN B 321 -8.99 16.81 15.44
N ASP B 322 -9.85 16.43 14.49
CA ASP B 322 -10.64 15.19 14.56
C ASP B 322 -9.97 14.14 13.69
N ARG B 323 -9.06 13.37 14.30
CA ARG B 323 -8.40 12.27 13.60
C ARG B 323 -9.40 11.38 12.86
N ASP B 324 -10.56 11.11 13.45
CA ASP B 324 -11.48 10.13 12.88
C ASP B 324 -12.21 10.68 11.65
N ALA B 325 -12.94 11.79 11.83
CA ALA B 325 -13.72 12.34 10.73
C ALA B 325 -12.83 12.74 9.56
N LEU B 326 -11.61 13.20 9.84
CA LEU B 326 -10.66 13.50 8.76
C LEU B 326 -10.34 12.26 7.94
N HIS B 327 -10.02 11.15 8.61
CA HIS B 327 -9.86 9.87 7.94
C HIS B 327 -11.00 9.60 6.96
N MET B 328 -12.24 9.60 7.49
CA MET B 328 -13.41 9.40 6.64
C MET B 328 -13.47 10.41 5.50
N GLU B 329 -13.08 11.65 5.79
CA GLU B 329 -13.18 12.72 4.82
C GLU B 329 -12.36 12.43 3.56
N GLY B 330 -11.12 11.98 3.74
CA GLY B 330 -10.33 11.56 2.60
C GLY B 330 -11.02 10.48 1.80
N LEU B 331 -11.63 9.52 2.48
CA LEU B 331 -12.37 8.47 1.81
C LEU B 331 -13.55 9.04 1.03
N ILE B 332 -14.29 9.99 1.63
CA ILE B 332 -15.42 10.62 0.95
C ILE B 332 -14.97 11.33 -0.32
N VAL B 333 -13.97 12.21 -0.22
CA VAL B 333 -13.55 12.97 -1.39
C VAL B 333 -13.05 12.02 -2.48
N ARG B 334 -12.27 11.00 -2.11
CA ARG B 334 -11.84 10.02 -3.10
C ARG B 334 -13.03 9.38 -3.79
N GLU B 335 -14.04 8.98 -3.02
CA GLU B 335 -15.24 8.40 -3.62
C GLU B 335 -15.93 9.39 -4.56
N ARG B 336 -15.84 10.69 -4.28
CA ARG B 336 -16.51 11.65 -5.15
C ARG B 336 -15.93 11.62 -6.56
N ILE B 337 -14.61 11.73 -6.68
CA ILE B 337 -13.99 11.91 -7.98
C ILE B 337 -13.27 10.63 -8.44
N LEU B 338 -13.87 9.47 -8.14
CA LEU B 338 -13.35 8.17 -8.58
C LEU B 338 -14.56 7.23 -8.72
N GLY B 339 -15.22 7.34 -9.87
CA GLY B 339 -16.48 6.66 -10.10
C GLY B 339 -17.64 7.60 -9.92
#